data_4EMG
#
_entry.id   4EMG
#
_cell.length_a   101.430
_cell.length_b   101.700
_cell.length_c   143.420
_cell.angle_alpha   90.00
_cell.angle_beta   90.00
_cell.angle_gamma   90.00
#
_symmetry.space_group_name_H-M   'P 21 21 21'
#
loop_
_entity.id
_entity.type
_entity.pdbx_description
1 polymer 'Probable U6 snRNA-associated Sm-like protein LSm3'
2 water water
#
_entity_poly.entity_id   1
_entity_poly.type   'polypeptide(L)'
_entity_poly.pdbx_seq_one_letter_code
;(MSE)ESAQAVAEPLDLVRLSLDEIVYVKLRGDRELNGRLHAYDEHLN(MSE)VLGDAEEIVTIFDDEETDKDKALKTIR
KHYE(MSE)LFVRGDSVILIAPPRN
;
_entity_poly.pdbx_strand_id   A,B,C,D,E,F,G,H,I,J,K,L,M,N
#
# COMPACT_ATOMS: atom_id res chain seq x y z
N GLU A 9 -2.43 10.50 20.30
CA GLU A 9 -1.80 10.80 21.57
C GLU A 9 -0.33 11.31 21.40
N PRO A 10 0.60 10.48 20.88
CA PRO A 10 1.97 10.98 20.73
C PRO A 10 2.12 12.23 19.86
N LEU A 11 1.37 12.30 18.75
CA LEU A 11 1.36 13.49 17.92
C LEU A 11 0.80 14.74 18.65
N ASP A 12 0.12 14.55 19.78
CA ASP A 12 -0.42 15.70 20.51
C ASP A 12 0.71 16.65 20.90
N LEU A 13 1.89 16.08 21.14
CA LEU A 13 3.03 16.90 21.51
C LEU A 13 3.41 17.86 20.39
N VAL A 14 3.36 17.40 19.15
CA VAL A 14 3.67 18.24 18.00
C VAL A 14 2.59 19.30 17.83
N ARG A 15 1.35 18.83 17.96
CA ARG A 15 0.17 19.69 17.84
C ARG A 15 0.11 20.83 18.86
N LEU A 16 0.41 20.53 20.12
CA LEU A 16 0.42 21.54 21.16
C LEU A 16 1.63 22.48 21.01
N SER A 17 2.56 22.12 20.12
CA SER A 17 3.75 22.95 19.91
C SER A 17 3.56 23.95 18.78
N LEU A 18 2.38 23.96 18.17
CA LEU A 18 2.07 24.93 17.12
C LEU A 18 2.40 26.33 17.64
N ASP A 19 3.20 27.06 16.86
CA ASP A 19 3.65 28.39 17.22
C ASP A 19 4.67 28.52 18.36
N GLU A 20 5.03 27.41 18.99
CA GLU A 20 6.12 27.41 19.95
C GLU A 20 7.42 27.15 19.20
N ILE A 21 8.53 27.31 19.89
CA ILE A 21 9.82 27.08 19.28
C ILE A 21 10.22 25.66 19.58
N VAL A 22 10.34 24.84 18.54
CA VAL A 22 10.68 23.44 18.74
C VAL A 22 12.11 23.13 18.35
N TYR A 23 12.66 22.10 18.97
CA TYR A 23 13.94 21.53 18.58
C TYR A 23 13.65 20.28 17.79
N VAL A 24 14.38 20.08 16.69
CA VAL A 24 14.16 18.93 15.83
C VAL A 24 15.49 18.30 15.52
N LYS A 25 15.63 17.00 15.77
CA LYS A 25 16.84 16.29 15.39
C LYS A 25 16.55 15.49 14.13
N LEU A 26 17.35 15.67 13.08
CA LEU A 26 17.14 14.95 11.82
C LEU A 26 18.14 13.83 11.74
N ARG A 27 17.98 12.93 10.77
CA ARG A 27 18.98 11.89 10.56
C ARG A 27 20.30 12.49 10.16
N GLY A 28 21.38 11.99 10.76
CA GLY A 28 22.72 12.27 10.31
C GLY A 28 23.31 13.62 10.63
N ASP A 29 23.47 13.90 11.92
CA ASP A 29 24.28 15.04 12.35
C ASP A 29 23.66 16.42 12.08
N ARG A 30 22.35 16.46 11.86
CA ARG A 30 21.67 17.73 11.64
C ARG A 30 20.58 18.03 12.70
N GLU A 31 20.46 19.30 13.07
CA GLU A 31 19.48 19.74 14.06
C GLU A 31 18.84 21.04 13.62
N LEU A 32 17.64 21.29 14.10
CA LEU A 32 16.95 22.52 13.76
C LEU A 32 16.34 23.12 15.01
N ASN A 33 16.15 24.43 14.99
CA ASN A 33 15.36 25.12 15.99
C ASN A 33 14.57 26.13 15.22
N GLY A 34 13.30 26.29 15.56
CA GLY A 34 12.47 27.23 14.84
C GLY A 34 11.09 27.23 15.41
N ARG A 35 10.27 28.17 14.94
CA ARG A 35 8.88 28.27 15.37
C ARG A 35 8.00 27.40 14.47
N LEU A 36 7.33 26.43 15.08
CA LEU A 36 6.50 25.51 14.32
C LEU A 36 5.28 26.23 13.76
N HIS A 37 5.25 26.46 12.45
CA HIS A 37 4.09 27.09 11.82
C HIS A 37 3.11 26.07 11.24
N ALA A 38 3.57 24.86 10.98
CA ALA A 38 2.69 23.91 10.33
C ALA A 38 3.31 22.51 10.32
N TYR A 39 2.45 21.51 10.37
CA TYR A 39 2.92 20.15 10.25
C TYR A 39 1.80 19.31 9.66
N ASP A 40 2.15 18.12 9.18
CA ASP A 40 1.12 17.24 8.64
C ASP A 40 1.31 15.81 9.11
N GLU A 41 0.49 14.91 8.59
CA GLU A 41 0.48 13.51 9.04
C GLU A 41 1.84 12.82 8.81
N HIS A 42 2.58 13.26 7.78
CA HIS A 42 3.88 12.69 7.47
C HIS A 42 4.98 13.24 8.35
N LEU A 43 4.62 14.21 9.18
CA LEU A 43 5.58 14.90 10.05
C LEU A 43 6.42 15.93 9.28
N ASN A 44 5.99 16.28 8.06
CA ASN A 44 6.51 17.46 7.38
C ASN A 44 6.26 18.68 8.27
N VAL A 46 6.87 23.16 8.62
CA VAL A 46 7.43 24.44 8.25
C VAL A 46 7.86 25.12 9.54
N LEU A 47 9.14 25.46 9.58
CA LEU A 47 9.74 26.12 10.71
C LEU A 47 10.02 27.60 10.35
N GLY A 48 9.64 28.51 11.24
CA GLY A 48 9.89 29.91 11.02
C GLY A 48 11.09 30.39 11.81
N ASP A 49 11.88 31.27 11.22
CA ASP A 49 13.03 31.83 11.90
C ASP A 49 13.89 30.70 12.41
N ALA A 50 14.31 29.85 11.49
CA ALA A 50 14.89 28.58 11.85
C ALA A 50 16.39 28.61 11.75
N GLU A 51 17.03 27.89 12.66
CA GLU A 51 18.46 27.72 12.65
C GLU A 51 18.74 26.26 12.35
N GLU A 52 19.65 26.00 11.43
CA GLU A 52 20.09 24.64 11.13
C GLU A 52 21.49 24.47 11.65
N ILE A 53 21.75 23.37 12.35
CA ILE A 53 23.08 23.15 12.94
C ILE A 53 23.69 21.81 12.54
N VAL A 54 24.68 21.81 11.67
CA VAL A 54 25.39 20.59 11.33
C VAL A 54 26.59 20.49 12.24
N THR A 55 26.78 19.33 12.86
CA THR A 55 27.93 19.12 13.76
C THR A 55 28.65 17.80 13.51
N THR A 70 30.58 22.23 14.22
CA THR A 70 29.38 23.06 14.09
C THR A 70 29.42 24.10 12.95
N ILE A 71 28.59 23.90 11.94
CA ILE A 71 28.35 24.95 10.96
C ILE A 71 26.86 25.29 10.95
N ARG A 72 26.55 26.57 11.17
CA ARG A 72 25.17 27.02 11.32
C ARG A 72 24.66 27.72 10.08
N LYS A 73 23.33 27.87 10.01
CA LYS A 73 22.68 28.45 8.85
C LYS A 73 21.32 28.89 9.34
N HIS A 74 20.81 30.01 8.82
CA HIS A 74 19.54 30.54 9.31
C HIS A 74 18.58 30.68 8.16
N TYR A 75 17.29 30.42 8.43
CA TYR A 75 16.24 30.54 7.41
C TYR A 75 15.03 31.31 7.94
N GLU A 76 14.49 32.19 7.10
CA GLU A 76 13.30 32.91 7.50
C GLU A 76 12.15 31.92 7.60
N LEU A 78 11.39 27.61 6.67
CA LEU A 78 12.03 26.36 6.29
C LEU A 78 11.02 25.23 6.20
N PHE A 79 10.99 24.52 5.08
CA PHE A 79 10.21 23.30 4.98
C PHE A 79 11.11 22.12 5.31
N VAL A 80 10.69 21.30 6.27
CA VAL A 80 11.42 20.10 6.65
C VAL A 80 10.67 18.85 6.23
N ARG A 81 11.33 17.94 5.53
CA ARG A 81 10.69 16.69 5.11
C ARG A 81 10.53 15.75 6.29
N GLY A 82 9.29 15.34 6.56
CA GLY A 82 8.99 14.45 7.68
C GLY A 82 9.87 13.21 7.78
N ASP A 83 10.11 12.53 6.66
CA ASP A 83 10.90 11.29 6.65
C ASP A 83 12.19 11.36 7.42
N SER A 84 12.77 12.54 7.56
CA SER A 84 14.11 12.62 8.13
C SER A 84 14.11 13.06 9.59
N VAL A 85 12.92 13.24 10.16
CA VAL A 85 12.78 13.69 11.55
C VAL A 85 12.88 12.52 12.50
N ILE A 86 13.83 12.59 13.43
CA ILE A 86 13.96 11.58 14.48
C ILE A 86 13.36 12.03 15.84
N LEU A 87 13.68 13.24 16.26
CA LEU A 87 13.20 13.77 17.54
C LEU A 87 12.56 15.14 17.40
N ILE A 88 11.55 15.41 18.19
CA ILE A 88 11.00 16.76 18.29
C ILE A 88 10.78 17.06 19.76
N ALA A 89 11.33 18.17 20.23
CA ALA A 89 11.15 18.57 21.62
C ALA A 89 10.54 19.96 21.66
N PRO A 90 9.43 20.12 22.41
CA PRO A 90 8.80 21.43 22.57
C PRO A 90 9.64 22.29 23.50
N PRO A 91 9.36 23.59 23.56
CA PRO A 91 10.12 24.48 24.45
C PRO A 91 9.79 24.15 25.89
N ARG A 92 10.69 24.49 26.81
CA ARG A 92 10.48 24.17 28.22
C ARG A 92 9.51 25.04 29.01
N ASN A 93 8.83 24.36 29.94
CA ASN A 93 8.13 24.92 31.10
C ASN A 93 6.95 24.05 31.50
N GLU B 9 7.03 -0.06 -21.51
CA GLU B 9 8.05 0.41 -22.44
C GLU B 9 9.51 0.18 -21.92
N PRO B 10 9.93 0.84 -20.81
CA PRO B 10 11.29 0.55 -20.31
C PRO B 10 11.56 -0.92 -19.94
N LEU B 11 10.58 -1.62 -19.37
CA LEU B 11 10.76 -3.04 -19.09
C LEU B 11 10.91 -3.88 -20.36
N ASP B 12 10.56 -3.31 -21.51
CA ASP B 12 10.65 -4.05 -22.77
C ASP B 12 12.06 -4.52 -23.00
N LEU B 13 13.01 -3.71 -22.55
CA LEU B 13 14.42 -4.04 -22.69
C LEU B 13 14.77 -5.32 -21.97
N VAL B 14 14.26 -5.49 -20.76
CA VAL B 14 14.53 -6.70 -19.98
C VAL B 14 13.83 -7.89 -20.67
N ARG B 15 12.61 -7.65 -21.13
CA ARG B 15 11.79 -8.67 -21.77
C ARG B 15 12.39 -9.20 -23.08
N LEU B 16 12.91 -8.30 -23.90
CA LEU B 16 13.58 -8.66 -25.13
C LEU B 16 14.96 -9.31 -24.87
N SER B 17 15.42 -9.24 -23.64
CA SER B 17 16.69 -9.89 -23.27
C SER B 17 16.53 -11.33 -22.77
N LEU B 18 15.29 -11.83 -22.72
CA LEU B 18 15.07 -13.20 -22.29
C LEU B 18 15.96 -14.11 -23.12
N ASP B 19 16.75 -14.94 -22.43
CA ASP B 19 17.68 -15.87 -23.05
C ASP B 19 18.94 -15.29 -23.65
N GLU B 20 19.05 -13.96 -23.65
CA GLU B 20 20.30 -13.31 -24.01
C GLU B 20 21.20 -13.19 -22.78
N ILE B 21 22.45 -12.82 -23.00
CA ILE B 21 23.36 -12.65 -21.89
C ILE B 21 23.33 -11.19 -21.44
N VAL B 22 22.85 -10.95 -20.23
CA VAL B 22 22.75 -9.58 -19.75
C VAL B 22 23.84 -9.21 -18.76
N TYR B 23 24.15 -7.92 -18.70
CA TYR B 23 24.99 -7.36 -17.66
C TYR B 23 24.10 -6.70 -16.63
N VAL B 24 24.40 -6.90 -15.36
CA VAL B 24 23.58 -6.34 -14.30
C VAL B 24 24.50 -5.71 -13.30
N LYS B 25 24.25 -4.44 -12.99
CA LYS B 25 25.00 -3.78 -11.92
C LYS B 25 24.12 -3.77 -10.66
N LEU B 26 24.65 -4.24 -9.53
CA LEU B 26 23.85 -4.23 -8.31
C LEU B 26 24.34 -3.10 -7.42
N ARG B 27 23.63 -2.81 -6.34
CA ARG B 27 24.10 -1.84 -5.36
C ARG B 27 25.41 -2.28 -4.72
N GLY B 28 26.35 -1.36 -4.62
CA GLY B 28 27.54 -1.58 -3.83
C GLY B 28 28.63 -2.50 -4.37
N ASP B 29 29.20 -2.11 -5.50
CA ASP B 29 30.44 -2.75 -5.95
C ASP B 29 30.27 -4.18 -6.48
N ARG B 30 29.04 -4.55 -6.84
CA ARG B 30 28.81 -5.89 -7.37
C ARG B 30 28.21 -5.86 -8.78
N GLU B 31 28.64 -6.81 -9.62
CA GLU B 31 28.15 -6.91 -10.99
C GLU B 31 27.86 -8.35 -11.33
N LEU B 32 27.04 -8.57 -12.34
CA LEU B 32 26.74 -9.91 -12.75
C LEU B 32 26.73 -9.97 -14.25
N ASN B 33 26.99 -11.16 -14.80
CA ASN B 33 26.76 -11.42 -16.22
C ASN B 33 26.19 -12.79 -16.24
N GLY B 34 25.19 -13.03 -17.08
CA GLY B 34 24.59 -14.33 -17.18
C GLY B 34 23.48 -14.34 -18.18
N ARG B 35 22.93 -15.52 -18.43
CA ARG B 35 21.85 -15.65 -19.38
C ARG B 35 20.54 -15.46 -18.65
N LEU B 36 19.76 -14.48 -19.09
CA LEU B 36 18.50 -14.17 -18.43
C LEU B 36 17.50 -15.27 -18.69
N HIS B 37 17.21 -16.09 -17.68
CA HIS B 37 16.20 -17.14 -17.83
C HIS B 37 14.80 -16.73 -17.39
N ALA B 38 14.72 -15.77 -16.47
CA ALA B 38 13.43 -15.38 -15.91
C ALA B 38 13.51 -14.07 -15.13
N TYR B 39 12.43 -13.30 -15.19
CA TYR B 39 12.36 -12.07 -14.42
C TYR B 39 10.92 -11.82 -14.06
N ASP B 40 10.69 -10.94 -13.10
CA ASP B 40 9.32 -10.63 -12.71
C ASP B 40 9.12 -9.13 -12.49
N GLU B 41 7.93 -8.76 -12.00
CA GLU B 41 7.58 -7.35 -11.91
C GLU B 41 8.49 -6.60 -10.95
N HIS B 42 9.02 -7.30 -9.95
CA HIS B 42 9.92 -6.70 -8.96
C HIS B 42 11.33 -6.56 -9.50
N LEU B 43 11.58 -7.12 -10.68
CA LEU B 43 12.89 -7.14 -11.30
C LEU B 43 13.80 -8.22 -10.71
N ASN B 44 13.22 -9.17 -9.97
CA ASN B 44 13.92 -10.38 -9.60
C ASN B 44 14.31 -11.10 -10.89
N VAL B 46 16.46 -14.70 -12.62
CA VAL B 46 17.31 -15.88 -12.56
C VAL B 46 18.29 -15.81 -13.72
N LEU B 47 19.57 -15.83 -13.38
CA LEU B 47 20.64 -15.78 -14.35
C LEU B 47 21.28 -17.17 -14.49
N GLY B 48 21.40 -17.67 -15.71
CA GLY B 48 22.10 -18.91 -15.95
C GLY B 48 23.58 -18.72 -16.31
N ASP B 49 24.42 -19.63 -15.83
CA ASP B 49 25.83 -19.57 -16.15
C ASP B 49 26.36 -18.20 -15.81
N ALA B 50 26.23 -17.83 -14.56
CA ALA B 50 26.40 -16.45 -14.18
C ALA B 50 27.74 -16.23 -13.52
N GLU B 51 28.31 -15.06 -13.81
CA GLU B 51 29.55 -14.64 -13.16
C GLU B 51 29.21 -13.48 -12.25
N GLU B 52 29.69 -13.50 -11.02
CA GLU B 52 29.56 -12.39 -10.10
C GLU B 52 30.91 -11.76 -9.88
N ILE B 53 30.98 -10.43 -9.99
CA ILE B 53 32.25 -9.73 -9.88
C ILE B 53 32.21 -8.64 -8.81
N VAL B 54 32.86 -8.87 -7.68
CA VAL B 54 33.02 -7.83 -6.67
C VAL B 54 34.31 -7.08 -6.93
N THR B 55 34.25 -5.76 -6.95
CA THR B 55 35.46 -4.96 -7.18
C THR B 55 35.55 -3.80 -6.21
N THR B 70 38.99 -6.91 -7.68
CA THR B 70 38.20 -7.94 -8.35
C THR B 70 38.27 -9.36 -7.77
N ILE B 71 37.19 -9.81 -7.14
CA ILE B 71 37.04 -11.22 -6.80
C ILE B 71 35.81 -11.81 -7.52
N ARG B 72 36.03 -12.84 -8.32
CA ARG B 72 34.97 -13.42 -9.14
C ARG B 72 34.42 -14.73 -8.56
N LYS B 73 33.26 -15.12 -9.07
CA LYS B 73 32.55 -16.29 -8.56
C LYS B 73 31.57 -16.69 -9.66
N HIS B 74 31.34 -17.98 -9.82
CA HIS B 74 30.53 -18.43 -10.95
C HIS B 74 29.41 -19.32 -10.44
N TYR B 75 28.26 -19.25 -11.07
CA TYR B 75 27.10 -20.02 -10.64
C TYR B 75 26.39 -20.60 -11.83
N GLU B 76 25.98 -21.84 -11.70
CA GLU B 76 25.24 -22.50 -12.75
C GLU B 76 23.88 -21.82 -12.92
N LEU B 78 21.52 -18.65 -10.82
CA LEU B 78 21.58 -17.62 -9.78
C LEU B 78 20.25 -16.87 -9.69
N PHE B 79 19.69 -16.78 -8.49
CA PHE B 79 18.55 -15.90 -8.27
C PHE B 79 19.05 -14.56 -7.76
N VAL B 80 18.68 -13.49 -8.46
CA VAL B 80 19.05 -12.14 -8.03
C VAL B 80 17.84 -11.40 -7.52
N ARG B 81 17.92 -10.83 -6.32
CA ARG B 81 16.82 -10.02 -5.77
C ARG B 81 16.65 -8.70 -6.54
N GLY B 82 15.45 -8.45 -7.07
CA GLY B 82 15.16 -7.22 -7.79
C GLY B 82 15.55 -5.93 -7.10
N ASP B 83 15.20 -5.79 -5.81
CA ASP B 83 15.54 -4.58 -5.04
C ASP B 83 16.95 -4.04 -5.22
N SER B 84 17.91 -4.90 -5.55
CA SER B 84 19.30 -4.50 -5.51
C SER B 84 19.85 -4.23 -6.91
N VAL B 85 18.98 -4.35 -7.91
CA VAL B 85 19.36 -4.08 -9.29
C VAL B 85 19.34 -2.60 -9.65
N ILE B 86 20.47 -2.07 -10.11
CA ILE B 86 20.55 -0.68 -10.54
C ILE B 86 20.51 -0.53 -12.07
N LEU B 87 21.30 -1.33 -12.77
CA LEU B 87 21.39 -1.28 -14.23
C LEU B 87 21.24 -2.67 -14.84
N ILE B 88 20.65 -2.72 -16.02
CA ILE B 88 20.64 -3.92 -16.81
C ILE B 88 20.98 -3.53 -18.24
N ALA B 89 21.96 -4.18 -18.83
CA ALA B 89 22.31 -3.94 -20.22
C ALA B 89 22.25 -5.23 -21.01
N PRO B 90 21.51 -5.22 -22.12
CA PRO B 90 21.42 -6.40 -22.98
C PRO B 90 22.71 -6.57 -23.77
N PRO B 91 22.91 -7.74 -24.39
CA PRO B 91 24.15 -7.95 -25.17
C PRO B 91 24.13 -7.05 -26.40
N ARG B 92 25.30 -6.80 -26.98
CA ARG B 92 25.38 -5.89 -28.11
C ARG B 92 25.08 -6.47 -29.48
N ASN B 93 24.67 -5.56 -30.36
CA ASN B 93 24.93 -5.64 -31.80
C ASN B 93 23.69 -5.87 -32.65
N GLU C 9 7.96 -17.50 -12.20
CA GLU C 9 9.07 -18.06 -12.95
C GLU C 9 10.39 -17.92 -12.15
N PRO C 10 10.84 -16.68 -11.85
CA PRO C 10 12.12 -16.57 -11.11
C PRO C 10 12.12 -17.25 -9.74
N LEU C 11 11.02 -17.19 -9.00
CA LEU C 11 10.91 -17.92 -7.75
C LEU C 11 10.92 -19.44 -7.92
N ASP C 12 10.75 -19.94 -9.15
CA ASP C 12 10.82 -21.38 -9.36
C ASP C 12 12.16 -21.92 -8.90
N LEU C 13 13.20 -21.12 -9.05
CA LEU C 13 14.52 -21.57 -8.67
C LEU C 13 14.56 -21.88 -7.18
N VAL C 14 13.92 -21.03 -6.38
CA VAL C 14 13.93 -21.22 -4.93
C VAL C 14 13.11 -22.45 -4.60
N ARG C 15 11.99 -22.59 -5.30
CA ARG C 15 11.03 -23.67 -5.10
C ARG C 15 11.60 -25.04 -5.43
N LEU C 16 12.31 -25.12 -6.56
CA LEU C 16 13.00 -26.36 -6.93
C LEU C 16 14.19 -26.66 -6.03
N SER C 17 14.59 -25.72 -5.21
CA SER C 17 15.71 -25.93 -4.28
C SER C 17 15.27 -26.42 -2.91
N LEU C 18 13.96 -26.65 -2.74
CA LEU C 18 13.46 -27.24 -1.49
C LEU C 18 14.26 -28.52 -1.15
N ASP C 19 14.83 -28.54 0.03
CA ASP C 19 15.62 -29.68 0.52
C ASP C 19 16.99 -29.85 -0.10
N GLU C 20 17.35 -28.99 -1.04
CA GLU C 20 18.71 -28.94 -1.54
C GLU C 20 19.51 -28.00 -0.67
N ILE C 21 20.83 -28.01 -0.82
CA ILE C 21 21.70 -27.10 -0.07
C ILE C 21 21.97 -25.85 -0.87
N VAL C 22 21.48 -24.72 -0.38
CA VAL C 22 21.56 -23.48 -1.15
C VAL C 22 22.63 -22.57 -0.57
N TYR C 23 23.17 -21.72 -1.42
CA TYR C 23 24.03 -20.64 -1.01
C TYR C 23 23.20 -19.37 -1.03
N VAL C 24 23.35 -18.55 0.02
CA VAL C 24 22.60 -17.31 0.11
C VAL C 24 23.54 -16.17 0.44
N LYS C 25 23.49 -15.11 -0.35
CA LYS C 25 24.28 -13.92 -0.04
C LYS C 25 23.36 -12.88 0.57
N LEU C 26 23.67 -12.42 1.78
CA LEU C 26 22.85 -11.39 2.41
C LEU C 26 23.47 -10.00 2.22
N ARG C 27 22.73 -8.95 2.55
CA ARG C 27 23.33 -7.63 2.55
C ARG C 27 24.50 -7.53 3.52
N GLY C 28 25.60 -6.95 3.08
CA GLY C 28 26.65 -6.53 3.98
C GLY C 28 27.59 -7.60 4.51
N ASP C 29 28.32 -8.25 3.60
CA ASP C 29 29.44 -9.11 4.00
C ASP C 29 29.04 -10.41 4.67
N ARG C 30 27.79 -10.85 4.51
CA ARG C 30 27.35 -12.08 5.15
C ARG C 30 26.88 -13.11 4.11
N GLU C 31 27.16 -14.38 4.37
CA GLU C 31 26.76 -15.46 3.48
C GLU C 31 26.23 -16.61 4.29
N LEU C 32 25.43 -17.46 3.67
CA LEU C 32 24.90 -18.63 4.33
C LEU C 32 24.98 -19.82 3.41
N ASN C 33 25.09 -21.00 3.99
CA ASN C 33 24.90 -22.24 3.26
C ASN C 33 24.08 -23.13 4.15
N GLY C 34 23.08 -23.80 3.61
CA GLY C 34 22.25 -24.66 4.41
C GLY C 34 21.23 -25.36 3.57
N ARG C 35 20.53 -26.32 4.16
CA ARG C 35 19.48 -27.03 3.48
C ARG C 35 18.16 -26.23 3.58
N LEU C 36 17.61 -25.87 2.44
CA LEU C 36 16.38 -25.10 2.39
C LEU C 36 15.20 -25.95 2.84
N HIS C 37 14.68 -25.67 4.03
CA HIS C 37 13.53 -26.40 4.53
C HIS C 37 12.24 -25.68 4.26
N ALA C 38 12.27 -24.38 4.06
CA ALA C 38 11.05 -23.62 3.89
C ALA C 38 11.32 -22.21 3.42
N TYR C 39 10.39 -21.65 2.67
CA TYR C 39 10.49 -20.26 2.25
C TYR C 39 9.09 -19.73 2.02
N ASP C 40 8.96 -18.40 1.96
CA ASP C 40 7.66 -17.82 1.71
C ASP C 40 7.77 -16.69 0.69
N GLU C 41 6.65 -16.01 0.47
CA GLU C 41 6.56 -14.99 -0.58
C GLU C 41 7.54 -13.84 -0.35
N HIS C 42 7.85 -13.55 0.91
CA HIS C 42 8.77 -12.47 1.27
C HIS C 42 10.22 -12.88 1.10
N LEU C 43 10.44 -14.15 0.80
CA LEU C 43 11.77 -14.73 0.67
C LEU C 43 12.40 -15.05 2.03
N ASN C 44 11.59 -15.07 3.08
CA ASN C 44 12.03 -15.61 4.35
C ASN C 44 12.38 -17.07 4.13
N VAL C 46 13.97 -20.88 6.08
CA VAL C 46 14.54 -21.65 7.17
C VAL C 46 15.59 -22.54 6.56
N LEU C 47 16.82 -22.41 7.05
CA LEU C 47 17.95 -23.18 6.57
C LEU C 47 18.33 -24.20 7.64
N GLY C 48 18.50 -25.45 7.22
CA GLY C 48 18.93 -26.48 8.15
C GLY C 48 20.42 -26.77 8.04
N ASP C 49 21.03 -27.07 9.17
CA ASP C 49 22.45 -27.36 9.18
C ASP C 49 23.20 -26.26 8.47
N ALA C 50 23.03 -25.04 8.94
CA ALA C 50 23.47 -23.87 8.20
C ALA C 50 24.79 -23.35 8.71
N GLU C 51 25.60 -22.87 7.77
CA GLU C 51 26.82 -22.18 8.11
C GLU C 51 26.67 -20.69 7.73
N GLU C 52 27.02 -19.81 8.66
CA GLU C 52 27.05 -18.39 8.38
C GLU C 52 28.49 -17.91 8.29
N ILE C 53 28.81 -17.16 7.24
CA ILE C 53 30.19 -16.70 6.99
C ILE C 53 30.29 -15.18 6.85
N VAL C 54 30.80 -14.52 7.88
CA VAL C 54 31.09 -13.09 7.78
C VAL C 54 32.54 -12.90 7.31
N THR C 55 32.72 -12.09 6.29
CA THR C 55 34.07 -11.84 5.78
C THR C 55 34.33 -10.34 5.56
N THR C 70 37.23 -13.72 7.60
CA THR C 70 36.27 -14.84 7.77
C THR C 70 36.03 -15.31 9.21
N ILE C 71 34.84 -15.03 9.73
CA ILE C 71 34.41 -15.65 10.97
C ILE C 71 33.14 -16.48 10.71
N ARG C 72 33.19 -17.75 11.07
CA ARG C 72 32.12 -18.69 10.76
C ARG C 72 31.29 -19.02 11.99
N LYS C 73 30.09 -19.53 11.74
CA LYS C 73 29.16 -19.87 12.79
C LYS C 73 28.22 -20.92 12.21
N HIS C 74 27.81 -21.88 13.03
CA HIS C 74 26.97 -22.99 12.55
C HIS C 74 25.65 -23.07 13.31
N TYR C 75 24.58 -23.37 12.61
CA TYR C 75 23.26 -23.47 13.24
C TYR C 75 22.55 -24.73 12.81
N GLU C 76 21.92 -25.39 13.77
CA GLU C 76 21.13 -26.57 13.46
C GLU C 76 19.93 -26.16 12.60
N LEU C 78 18.08 -22.38 11.12
CA LEU C 78 18.24 -20.94 11.01
C LEU C 78 17.07 -20.30 10.30
N PHE C 79 16.44 -19.30 10.91
CA PHE C 79 15.49 -18.48 10.18
C PHE C 79 16.20 -17.27 9.57
N VAL C 80 16.07 -17.09 8.26
CA VAL C 80 16.64 -15.92 7.58
C VAL C 80 15.55 -14.94 7.12
N ARG C 81 15.69 -13.67 7.47
CA ARG C 81 14.69 -12.68 7.04
C ARG C 81 14.85 -12.35 5.55
N GLY C 82 13.77 -12.51 4.81
CA GLY C 82 13.79 -12.27 3.38
C GLY C 82 14.34 -10.93 2.92
N ASP C 83 14.02 -9.86 3.63
CA ASP C 83 14.45 -8.50 3.26
C ASP C 83 15.94 -8.40 3.02
N SER C 84 16.73 -9.24 3.67
CA SER C 84 18.18 -9.10 3.57
C SER C 84 18.86 -10.03 2.55
N VAL C 85 18.06 -10.83 1.85
CA VAL C 85 18.56 -11.73 0.83
C VAL C 85 18.82 -11.05 -0.50
N ILE C 86 20.06 -11.11 -0.98
CA ILE C 86 20.42 -10.56 -2.28
C ILE C 86 20.51 -11.65 -3.38
N LEU C 87 21.20 -12.75 -3.09
CA LEU C 87 21.39 -13.83 -4.06
C LEU C 87 21.05 -15.17 -3.45
N ILE C 88 20.51 -16.06 -4.27
CA ILE C 88 20.29 -17.45 -3.88
C ILE C 88 20.78 -18.35 -5.00
N ALA C 89 21.67 -19.27 -4.68
CA ALA C 89 22.15 -20.21 -5.70
C ALA C 89 21.90 -21.63 -5.26
N PRO C 90 21.22 -22.42 -6.12
CA PRO C 90 20.98 -23.82 -5.82
C PRO C 90 22.29 -24.61 -5.95
N PRO C 91 22.32 -25.85 -5.45
CA PRO C 91 23.51 -26.68 -5.59
C PRO C 91 23.73 -27.03 -7.06
N ARG C 92 24.97 -27.37 -7.43
CA ARG C 92 25.26 -27.72 -8.81
C ARG C 92 24.78 -29.10 -9.21
N ASN C 93 24.08 -29.19 -10.33
CA ASN C 93 23.40 -30.44 -10.76
C ASN C 93 22.47 -31.02 -9.70
N GLU D 9 5.01 -21.53 6.63
CA GLU D 9 6.07 -22.54 6.74
C GLU D 9 7.38 -21.97 7.36
N PRO D 10 8.08 -21.01 6.71
CA PRO D 10 9.28 -20.48 7.38
C PRO D 10 9.02 -19.87 8.77
N LEU D 11 7.92 -19.15 8.96
CA LEU D 11 7.60 -18.58 10.27
C LEU D 11 7.32 -19.66 11.32
N ASP D 12 7.10 -20.91 10.89
CA ASP D 12 6.86 -21.98 11.85
C ASP D 12 8.01 -22.11 12.82
N LEU D 13 9.23 -21.83 12.34
CA LEU D 13 10.41 -21.93 13.18
C LEU D 13 10.35 -20.95 14.33
N VAL D 14 9.84 -19.75 14.08
CA VAL D 14 9.72 -18.75 15.13
C VAL D 14 8.61 -19.18 16.09
N ARG D 15 7.55 -19.73 15.52
CA ARG D 15 6.37 -20.13 16.28
C ARG D 15 6.63 -21.33 17.20
N LEU D 16 7.40 -22.29 16.72
CA LEU D 16 7.80 -23.45 17.52
C LEU D 16 8.82 -23.07 18.59
N SER D 17 9.39 -21.88 18.47
CA SER D 17 10.39 -21.41 19.43
C SER D 17 9.76 -20.63 20.57
N LEU D 18 8.45 -20.49 20.60
CA LEU D 18 7.79 -19.82 21.70
C LEU D 18 8.24 -20.45 23.02
N ASP D 19 8.71 -19.60 23.93
CA ASP D 19 9.21 -20.05 25.22
C ASP D 19 10.56 -20.76 25.25
N GLU D 20 11.16 -20.96 24.09
CA GLU D 20 12.52 -21.44 24.00
C GLU D 20 13.45 -20.26 23.99
N ILE D 21 14.74 -20.51 24.15
CA ILE D 21 15.73 -19.46 24.14
C ILE D 21 16.27 -19.32 22.73
N VAL D 22 16.04 -18.17 22.12
CA VAL D 22 16.43 -17.96 20.75
C VAL D 22 17.65 -17.04 20.65
N TYR D 23 18.43 -17.25 19.60
CA TYR D 23 19.44 -16.29 19.19
C TYR D 23 18.90 -15.40 18.07
N VAL D 24 19.17 -14.10 18.14
CA VAL D 24 18.67 -13.17 17.14
C VAL D 24 19.81 -12.28 16.69
N LYS D 25 20.03 -12.21 15.38
CA LYS D 25 21.03 -11.31 14.84
C LYS D 25 20.30 -10.10 14.28
N LEU D 26 20.66 -8.89 14.73
CA LEU D 26 20.02 -7.69 14.20
C LEU D 26 20.96 -7.03 13.21
N ARG D 27 20.47 -6.03 12.48
CA ARG D 27 21.33 -5.26 11.58
C ARG D 27 22.40 -4.54 12.37
N GLY D 28 23.64 -4.60 11.87
CA GLY D 28 24.70 -3.75 12.37
C GLY D 28 25.36 -4.11 13.69
N ASP D 29 25.97 -5.29 13.74
CA ASP D 29 26.87 -5.62 14.85
C ASP D 29 26.16 -5.88 16.17
N ARG D 30 24.86 -6.17 16.13
CA ARG D 30 24.12 -6.43 17.37
C ARG D 30 23.52 -7.83 17.37
N GLU D 31 23.47 -8.45 18.54
CA GLU D 31 22.92 -9.80 18.70
C GLU D 31 22.14 -9.86 19.98
N LEU D 32 21.18 -10.79 20.04
CA LEU D 32 20.40 -10.98 21.24
C LEU D 32 20.32 -12.45 21.57
N ASN D 33 20.12 -12.76 22.85
CA ASN D 33 19.74 -14.08 23.29
C ASN D 33 18.67 -13.87 24.35
N GLY D 34 17.61 -14.66 24.31
CA GLY D 34 16.56 -14.48 25.29
C GLY D 34 15.46 -15.49 25.09
N ARG D 35 14.51 -15.54 26.03
CA ARG D 35 13.39 -16.44 25.91
C ARG D 35 12.29 -15.76 25.11
N LEU D 36 11.89 -16.38 24.02
CA LEU D 36 10.86 -15.81 23.16
C LEU D 36 9.51 -15.87 23.84
N HIS D 37 9.01 -14.74 24.31
CA HIS D 37 7.71 -14.70 24.95
C HIS D 37 6.58 -14.35 23.99
N ALA D 38 6.90 -13.63 22.93
CA ALA D 38 5.88 -13.15 22.00
C ALA D 38 6.46 -12.65 20.68
N TYR D 39 5.71 -12.80 19.61
CA TYR D 39 6.14 -12.28 18.32
C TYR D 39 4.92 -11.96 17.48
N ASP D 40 5.09 -11.19 16.44
CA ASP D 40 3.96 -10.88 15.57
C ASP D 40 4.33 -10.97 14.11
N GLU D 41 3.41 -10.57 13.25
CA GLU D 41 3.57 -10.72 11.79
C GLU D 41 4.74 -9.92 11.25
N HIS D 42 5.04 -8.80 11.94
CA HIS D 42 6.16 -7.93 11.56
C HIS D 42 7.50 -8.47 12.04
N LEU D 43 7.45 -9.53 12.85
CA LEU D 43 8.64 -10.12 13.44
C LEU D 43 9.14 -9.33 14.67
N ASN D 44 8.30 -8.43 15.17
CA ASN D 44 8.51 -7.87 16.50
C ASN D 44 8.53 -8.98 17.52
N VAL D 46 9.11 -10.01 21.90
CA VAL D 46 9.50 -9.74 23.26
C VAL D 46 10.38 -10.89 23.73
N LEU D 47 11.58 -10.54 24.17
CA LEU D 47 12.54 -11.50 24.70
C LEU D 47 12.67 -11.37 26.22
N GLY D 48 12.57 -12.48 26.93
CA GLY D 48 12.70 -12.45 28.37
C GLY D 48 14.10 -12.84 28.78
N ASP D 49 14.60 -12.19 29.83
CA ASP D 49 15.91 -12.51 30.38
C ASP D 49 16.92 -12.44 29.26
N ALA D 50 16.96 -11.28 28.60
CA ALA D 50 17.68 -11.15 27.36
C ALA D 50 19.04 -10.55 27.54
N GLU D 51 19.98 -11.03 26.74
CA GLU D 51 21.31 -10.46 26.69
C GLU D 51 21.48 -9.80 25.33
N GLU D 52 21.96 -8.57 25.33
CA GLU D 52 22.31 -7.90 24.09
C GLU D 52 23.82 -7.82 23.96
N ILE D 53 24.36 -8.13 22.77
CA ILE D 53 25.79 -8.16 22.56
C ILE D 53 26.20 -7.31 21.37
N VAL D 54 26.78 -6.13 21.63
CA VAL D 54 27.39 -5.35 20.56
C VAL D 54 28.86 -5.72 20.39
N THR D 55 29.28 -6.03 19.18
CA THR D 55 30.67 -6.40 18.94
C THR D 55 31.24 -5.64 17.74
N THR D 70 33.21 -6.42 22.10
CA THR D 70 32.07 -6.95 22.86
C THR D 70 31.67 -6.13 24.09
N ILE D 71 30.54 -5.44 23.99
CA ILE D 71 29.92 -4.84 25.16
C ILE D 71 28.53 -5.45 25.37
N ARG D 72 28.29 -5.99 26.55
CA ARG D 72 27.06 -6.72 26.83
C ARG D 72 26.11 -5.91 27.70
N LYS D 73 24.85 -6.33 27.71
CA LYS D 73 23.82 -5.62 28.44
C LYS D 73 22.68 -6.62 28.66
N HIS D 74 22.03 -6.57 29.81
CA HIS D 74 21.04 -7.57 30.14
C HIS D 74 19.70 -6.92 30.45
N TYR D 75 18.61 -7.57 30.06
CA TYR D 75 17.28 -7.02 30.27
C TYR D 75 16.34 -8.09 30.77
N GLU D 76 15.51 -7.73 31.73
CA GLU D 76 14.52 -8.66 32.23
C GLU D 76 13.48 -8.95 31.15
N LEU D 78 12.58 -7.49 27.03
CA LEU D 78 13.07 -6.68 25.91
C LEU D 78 12.12 -6.72 24.72
N PHE D 79 11.67 -5.55 24.25
CA PHE D 79 10.94 -5.50 22.99
C PHE D 79 11.91 -5.23 21.85
N VAL D 80 11.91 -6.10 20.84
CA VAL D 80 12.77 -5.96 19.67
C VAL D 80 11.94 -5.60 18.46
N ARG D 81 12.31 -4.56 17.72
CA ARG D 81 11.58 -4.19 16.52
C ARG D 81 11.85 -5.17 15.37
N GLY D 82 10.79 -5.72 14.80
CA GLY D 82 10.91 -6.66 13.70
C GLY D 82 11.80 -6.22 12.55
N ASP D 83 11.65 -4.97 12.12
CA ASP D 83 12.41 -4.43 10.98
C ASP D 83 13.92 -4.66 11.01
N SER D 84 14.48 -4.81 12.21
CA SER D 84 15.92 -4.90 12.32
C SER D 84 16.41 -6.32 12.51
N VAL D 85 15.49 -7.30 12.52
CA VAL D 85 15.86 -8.70 12.65
C VAL D 85 16.35 -9.31 11.34
N ILE D 86 17.56 -9.87 11.33
CA ILE D 86 18.09 -10.56 10.16
C ILE D 86 18.01 -12.09 10.29
N LEU D 87 18.47 -12.61 11.42
CA LEU D 87 18.48 -14.05 11.69
C LEU D 87 17.82 -14.42 13.01
N ILE D 88 17.15 -15.56 13.04
CA ILE D 88 16.65 -16.13 14.27
C ILE D 88 17.00 -17.61 14.30
N ALA D 89 17.68 -18.05 15.36
CA ALA D 89 18.01 -19.46 15.52
C ALA D 89 17.39 -19.98 16.80
N PRO D 90 16.65 -21.09 16.72
CA PRO D 90 16.09 -21.71 17.91
C PRO D 90 17.19 -22.46 18.66
N PRO D 91 16.93 -22.85 19.92
CA PRO D 91 17.94 -23.57 20.70
C PRO D 91 18.17 -24.95 20.09
N ARG D 92 19.35 -25.52 20.33
CA ARG D 92 19.66 -26.82 19.76
C ARG D 92 18.90 -28.00 20.37
N ASN D 93 18.33 -28.76 19.44
CA ASN D 93 17.51 -29.97 19.65
C ASN D 93 16.06 -29.83 19.16
N GLU E 9 2.96 17.68 -14.01
CA GLU E 9 3.72 18.88 -14.33
C GLU E 9 5.25 18.59 -14.24
N PRO E 10 5.81 18.27 -13.05
CA PRO E 10 7.26 17.99 -12.99
C PRO E 10 7.72 16.89 -13.94
N LEU E 11 6.96 15.80 -14.03
CA LEU E 11 7.29 14.73 -14.99
C LEU E 11 7.24 15.18 -16.44
N ASP E 12 6.63 16.34 -16.72
CA ASP E 12 6.60 16.84 -18.09
C ASP E 12 8.00 17.00 -18.66
N LEU E 13 8.94 17.37 -17.79
CA LEU E 13 10.32 17.53 -18.21
C LEU E 13 10.91 16.25 -18.77
N VAL E 14 10.62 15.13 -18.12
CA VAL E 14 11.11 13.85 -18.57
C VAL E 14 10.43 13.50 -19.89
N ARG E 15 9.12 13.74 -19.93
CA ARG E 15 8.31 13.42 -21.09
C ARG E 15 8.71 14.18 -22.35
N LEU E 16 8.97 15.47 -22.20
CA LEU E 16 9.46 16.30 -23.29
C LEU E 16 10.89 15.94 -23.72
N SER E 17 11.59 15.18 -22.89
CA SER E 17 12.93 14.74 -23.22
C SER E 17 12.98 13.43 -23.98
N LEU E 18 11.83 12.81 -24.26
CA LEU E 18 11.82 11.61 -25.08
C LEU E 18 12.68 11.86 -26.33
N ASP E 19 13.60 10.94 -26.60
CA ASP E 19 14.48 11.00 -27.76
C ASP E 19 15.55 12.08 -27.75
N GLU E 20 15.55 12.92 -26.72
CA GLU E 20 16.66 13.83 -26.49
C GLU E 20 17.75 13.14 -25.67
N ILE E 21 18.91 13.77 -25.58
CA ILE E 21 20.01 13.22 -24.79
C ILE E 21 20.02 13.80 -23.40
N VAL E 22 19.67 12.97 -22.42
CA VAL E 22 19.53 13.45 -21.05
C VAL E 22 20.75 13.14 -20.20
N TYR E 23 20.96 13.96 -19.18
CA TYR E 23 21.91 13.69 -18.12
C TYR E 23 21.16 13.14 -16.92
N VAL E 24 21.68 12.09 -16.31
CA VAL E 24 21.04 11.48 -15.15
C VAL E 24 22.06 11.29 -14.05
N LYS E 25 21.75 11.79 -12.87
CA LYS E 25 22.60 11.58 -11.71
C LYS E 25 21.98 10.48 -10.85
N LEU E 26 22.71 9.41 -10.56
CA LEU E 26 22.15 8.36 -9.73
C LEU E 26 22.68 8.49 -8.32
N ARG E 27 22.14 7.75 -7.38
CA ARG E 27 22.72 7.71 -6.02
C ARG E 27 24.15 7.20 -6.05
N GLY E 28 25.03 7.88 -5.34
CA GLY E 28 26.35 7.36 -5.06
C GLY E 28 27.38 7.40 -6.16
N ASP E 29 27.73 8.60 -6.60
CA ASP E 29 28.92 8.78 -7.43
C ASP E 29 28.77 8.24 -8.85
N ARG E 30 27.54 8.03 -9.31
CA ARG E 30 27.35 7.55 -10.67
C ARG E 30 26.51 8.54 -11.50
N GLU E 31 26.81 8.62 -12.79
CA GLU E 31 26.10 9.50 -13.69
C GLU E 31 25.91 8.80 -15.00
N LEU E 32 24.91 9.24 -15.75
CA LEU E 32 24.69 8.70 -17.08
C LEU E 32 24.46 9.83 -18.08
N ASN E 33 24.69 9.56 -19.34
CA ASN E 33 24.23 10.40 -20.44
C ASN E 33 23.76 9.45 -21.51
N GLY E 34 22.64 9.75 -22.15
CA GLY E 34 22.18 8.88 -23.20
C GLY E 34 20.90 9.40 -23.77
N ARG E 35 20.43 8.75 -24.83
CA ARG E 35 19.20 9.15 -25.48
C ARG E 35 18.03 8.48 -24.79
N LEU E 36 17.11 9.28 -24.26
CA LEU E 36 15.94 8.73 -23.56
C LEU E 36 15.00 8.03 -24.53
N HIS E 37 14.95 6.70 -24.48
CA HIS E 37 14.04 5.97 -25.38
C HIS E 37 12.73 5.65 -24.72
N ALA E 38 12.72 5.56 -23.40
CA ALA E 38 11.51 5.14 -22.70
C ALA E 38 11.64 5.42 -21.20
N TYR E 39 10.50 5.70 -20.57
CA TYR E 39 10.48 5.84 -19.12
C TYR E 39 9.10 5.43 -18.61
N ASP E 40 8.98 5.23 -17.31
CA ASP E 40 7.68 4.88 -16.76
C ASP E 40 7.39 5.64 -15.46
N GLU E 41 6.25 5.32 -14.83
CA GLU E 41 5.81 6.04 -13.63
C GLU E 41 6.82 5.94 -12.49
N HIS E 42 7.57 4.84 -12.44
CA HIS E 42 8.61 4.65 -11.41
C HIS E 42 9.89 5.41 -11.71
N LEU E 43 9.97 5.98 -12.90
CA LEU E 43 11.15 6.70 -13.36
C LEU E 43 12.24 5.75 -13.90
N ASN E 44 11.87 4.49 -14.12
CA ASN E 44 12.71 3.57 -14.86
C ASN E 44 12.95 4.17 -16.23
N VAL E 46 15.03 3.65 -20.22
CA VAL E 46 15.95 3.01 -21.14
C VAL E 46 16.71 4.10 -21.87
N LEU E 47 18.03 4.10 -21.69
CA LEU E 47 18.94 5.06 -22.33
C LEU E 47 19.68 4.40 -23.51
N GLY E 48 19.66 5.05 -24.66
CA GLY E 48 20.38 4.54 -25.82
C GLY E 48 21.71 5.25 -26.00
N ASP E 49 22.70 4.48 -26.43
CA ASP E 49 24.02 5.03 -26.66
C ASP E 49 24.49 5.74 -25.40
N ALA E 50 24.50 5.01 -24.29
CA ALA E 50 24.64 5.62 -22.99
C ALA E 50 26.05 5.51 -22.48
N GLU E 51 26.47 6.54 -21.77
CA GLU E 51 27.76 6.57 -21.11
C GLU E 51 27.50 6.59 -19.62
N GLU E 52 28.17 5.71 -18.89
CA GLU E 52 28.11 5.70 -17.45
C GLU E 52 29.44 6.20 -16.90
N ILE E 53 29.39 7.08 -15.91
CA ILE E 53 30.60 7.71 -15.39
C ILE E 53 30.64 7.60 -13.87
N VAL E 54 31.50 6.73 -13.37
CA VAL E 54 31.77 6.65 -11.94
C VAL E 54 32.93 7.56 -11.60
N THR E 55 32.78 8.40 -10.59
CA THR E 55 33.85 9.30 -10.17
C THR E 55 34.01 9.32 -8.64
N THR E 70 37.41 9.12 -12.18
CA THR E 70 36.57 8.83 -13.36
C THR E 70 36.84 7.51 -14.09
N ILE E 71 35.92 6.56 -13.97
CA ILE E 71 35.96 5.39 -14.83
C ILE E 71 34.68 5.33 -15.68
N ARG E 72 34.83 5.27 -17.00
CA ARG E 72 33.70 5.35 -17.92
C ARG E 72 33.37 4.01 -18.52
N LYS E 73 32.18 3.93 -19.10
CA LYS E 73 31.69 2.67 -19.64
C LYS E 73 30.58 3.06 -20.60
N HIS E 74 30.43 2.32 -21.70
CA HIS E 74 29.48 2.71 -22.71
C HIS E 74 28.52 1.57 -23.03
N TYR E 75 27.26 1.90 -23.28
CA TYR E 75 26.25 0.87 -23.55
C TYR E 75 25.40 1.25 -24.76
N GLU E 76 25.17 0.28 -25.62
CA GLU E 76 24.28 0.50 -26.74
C GLU E 76 22.87 0.81 -26.22
N LEU E 78 20.68 0.77 -22.35
CA LEU E 78 20.82 0.67 -20.90
C LEU E 78 19.46 0.81 -20.18
N PHE E 79 19.11 -0.16 -19.34
CA PHE E 79 17.96 -0.02 -18.48
C PHE E 79 18.42 0.54 -17.14
N VAL E 80 17.81 1.64 -16.69
CA VAL E 80 18.16 2.27 -15.42
C VAL E 80 17.01 2.15 -14.45
N ARG E 81 17.27 1.66 -13.25
CA ARG E 81 16.20 1.48 -12.27
C ARG E 81 15.80 2.84 -11.69
N GLY E 82 14.50 3.16 -11.80
CA GLY E 82 13.99 4.42 -11.30
C GLY E 82 14.40 4.79 -9.88
N ASP E 83 14.36 3.82 -8.97
CA ASP E 83 14.68 4.06 -7.55
C ASP E 83 15.97 4.79 -7.31
N SER E 84 16.91 4.67 -8.23
CA SER E 84 18.23 5.21 -7.97
C SER E 84 18.50 6.54 -8.63
N VAL E 85 17.51 7.03 -9.39
CA VAL E 85 17.59 8.34 -10.04
C VAL E 85 17.37 9.51 -9.08
N ILE E 86 18.36 10.40 -9.00
CA ILE E 86 18.25 11.64 -8.23
C ILE E 86 17.92 12.86 -9.08
N LEU E 87 18.64 13.06 -10.18
CA LEU E 87 18.47 14.21 -11.06
C LEU E 87 18.31 13.78 -12.50
N ILE E 88 17.50 14.53 -13.24
CA ILE E 88 17.47 14.38 -14.70
C ILE E 88 17.50 15.75 -15.34
N ALA E 89 18.43 15.95 -16.26
CA ALA E 89 18.49 17.21 -16.98
C ALA E 89 18.37 16.98 -18.48
N PRO E 90 17.48 17.72 -19.12
CA PRO E 90 17.35 17.60 -20.58
C PRO E 90 18.52 18.33 -21.25
N PRO E 91 18.73 18.10 -22.55
CA PRO E 91 19.79 18.79 -23.28
C PRO E 91 19.48 20.29 -23.36
N ARG E 92 20.50 21.14 -23.45
CA ARG E 92 20.26 22.56 -23.63
C ARG E 92 19.67 22.69 -25.02
N ASN E 93 18.37 22.38 -25.11
CA ASN E 93 17.65 22.04 -26.37
C ASN E 93 17.06 20.63 -26.37
N GLU F 9 -1.17 22.17 4.74
CA GLU F 9 -0.61 23.31 5.44
C GLU F 9 0.94 23.44 5.26
N PRO F 10 1.73 22.44 5.72
CA PRO F 10 3.18 22.52 5.44
C PRO F 10 3.51 22.62 3.92
N LEU F 11 2.84 21.86 3.07
CA LEU F 11 3.11 21.96 1.64
C LEU F 11 2.77 23.33 1.07
N ASP F 12 2.02 24.13 1.82
CA ASP F 12 1.66 25.47 1.34
C ASP F 12 2.91 26.27 1.04
N LEU F 13 3.96 26.03 1.82
CA LEU F 13 5.21 26.75 1.62
C LEU F 13 5.81 26.47 0.25
N VAL F 14 5.73 25.22 -0.22
CA VAL F 14 6.26 24.86 -1.52
C VAL F 14 5.36 25.48 -2.57
N ARG F 15 4.06 25.39 -2.33
CA ARG F 15 3.07 25.91 -3.28
C ARG F 15 3.16 27.43 -3.51
N LEU F 16 3.30 28.19 -2.42
CA LEU F 16 3.50 29.63 -2.50
C LEU F 16 4.85 29.98 -3.11
N SER F 17 5.74 29.01 -3.27
CA SER F 17 7.06 29.27 -3.84
C SER F 17 7.10 29.01 -5.34
N LEU F 18 5.97 28.62 -5.91
CA LEU F 18 5.91 28.49 -7.36
C LEU F 18 6.45 29.76 -8.02
N ASP F 19 7.40 29.57 -8.93
CA ASP F 19 8.04 30.66 -9.66
C ASP F 19 8.99 31.55 -8.88
N GLU F 20 9.15 31.30 -7.58
CA GLU F 20 10.18 31.96 -6.79
C GLU F 20 11.44 31.12 -6.85
N ILE F 21 12.54 31.67 -6.37
CA ILE F 21 13.80 30.95 -6.33
C ILE F 21 13.92 30.25 -4.98
N VAL F 22 13.93 28.92 -5.01
CA VAL F 22 14.01 28.14 -3.77
C VAL F 22 15.39 27.54 -3.55
N TYR F 23 15.72 27.34 -2.28
CA TYR F 23 16.89 26.59 -1.88
C TYR F 23 16.41 25.19 -1.50
N VAL F 24 17.14 24.19 -1.98
CA VAL F 24 16.81 22.80 -1.67
C VAL F 24 18.03 22.06 -1.17
N LYS F 25 17.90 21.44 0.00
CA LYS F 25 18.96 20.58 0.49
C LYS F 25 18.58 19.14 0.20
N LEU F 26 19.46 18.42 -0.49
CA LEU F 26 19.19 17.00 -0.75
C LEU F 26 19.99 16.12 0.23
N ARG F 27 19.71 14.82 0.26
CA ARG F 27 20.50 13.89 1.05
C ARG F 27 21.93 13.86 0.57
N GLY F 28 22.87 13.94 1.51
CA GLY F 28 24.27 13.68 1.21
C GLY F 28 25.08 14.74 0.51
N ASP F 29 25.22 15.89 1.16
CA ASP F 29 26.20 16.88 0.72
C ASP F 29 25.85 17.60 -0.58
N ARG F 30 24.57 17.58 -0.96
CA ARG F 30 24.13 18.23 -2.20
C ARG F 30 23.09 19.32 -1.93
N GLU F 31 23.20 20.42 -2.66
CA GLU F 31 22.27 21.53 -2.53
C GLU F 31 21.87 22.06 -3.90
N LEU F 32 20.71 22.69 -3.97
CA LEU F 32 20.26 23.28 -5.22
C LEU F 32 19.72 24.68 -4.95
N ASN F 33 19.79 25.53 -5.97
CA ASN F 33 19.04 26.79 -6.03
C ASN F 33 18.45 26.90 -7.41
N GLY F 34 17.21 27.32 -7.51
CA GLY F 34 16.61 27.42 -8.81
C GLY F 34 15.22 27.98 -8.71
N ARG F 35 14.62 28.28 -9.85
CA ARG F 35 13.26 28.76 -9.86
C ARG F 35 12.34 27.55 -9.89
N LEU F 36 11.44 27.48 -8.92
CA LEU F 36 10.48 26.40 -8.84
C LEU F 36 9.43 26.50 -9.93
N HIS F 37 9.53 25.66 -10.96
CA HIS F 37 8.55 25.65 -12.04
C HIS F 37 7.42 24.65 -11.83
N ALA F 38 7.66 23.62 -11.05
CA ALA F 38 6.65 22.58 -10.87
C ALA F 38 7.01 21.63 -9.74
N TYR F 39 5.98 21.11 -9.08
CA TYR F 39 6.22 20.12 -8.04
C TYR F 39 5.01 19.21 -7.99
N ASP F 40 5.12 18.09 -7.28
CA ASP F 40 4.00 17.19 -7.13
C ASP F 40 3.92 16.64 -5.73
N GLU F 41 3.00 15.71 -5.52
CA GLU F 41 2.71 15.19 -4.19
C GLU F 41 3.91 14.47 -3.58
N HIS F 42 4.74 13.86 -4.44
CA HIS F 42 5.96 13.18 -4.00
C HIS F 42 7.08 14.14 -3.65
N LEU F 43 6.88 15.43 -3.93
CA LEU F 43 7.89 16.46 -3.75
C LEU F 43 8.96 16.47 -4.88
N ASN F 44 8.68 15.77 -5.98
CA ASN F 44 9.45 15.94 -7.21
C ASN F 44 9.35 17.38 -7.63
N VAL F 46 10.65 20.49 -10.67
CA VAL F 46 11.46 20.98 -11.74
C VAL F 46 12.00 22.35 -11.36
N LEU F 47 13.30 22.50 -11.37
CA LEU F 47 13.98 23.75 -11.06
C LEU F 47 14.54 24.38 -12.33
N GLY F 48 14.30 25.66 -12.53
CA GLY F 48 14.81 26.34 -13.70
C GLY F 48 16.01 27.18 -13.33
N ASP F 49 16.93 27.28 -14.26
CA ASP F 49 18.14 28.07 -14.03
C ASP F 49 18.80 27.64 -12.72
N ALA F 50 19.07 26.35 -12.62
CA ALA F 50 19.39 25.78 -11.32
C ALA F 50 20.87 25.65 -11.15
N GLU F 51 21.32 25.91 -9.93
CA GLU F 51 22.70 25.65 -9.54
C GLU F 51 22.76 24.46 -8.57
N GLU F 52 23.61 23.49 -8.86
CA GLU F 52 23.85 22.38 -7.96
C GLU F 52 25.19 22.56 -7.28
N ILE F 53 25.21 22.42 -5.96
CA ILE F 53 26.45 22.59 -5.18
C ILE F 53 26.79 21.34 -4.34
N VAL F 54 27.80 20.60 -4.75
CA VAL F 54 28.34 19.52 -3.94
C VAL F 54 29.46 20.05 -3.05
N THR F 55 29.38 19.80 -1.74
CA THR F 55 30.42 20.24 -0.83
C THR F 55 30.88 19.13 0.13
N THR F 70 33.56 22.30 -2.45
CA THR F 70 32.55 22.88 -3.35
C THR F 70 32.84 22.67 -4.83
N ILE F 71 32.05 21.80 -5.47
CA ILE F 71 32.02 21.75 -6.92
C ILE F 71 30.61 22.10 -7.44
N ARG F 72 30.53 23.10 -8.31
CA ARG F 72 29.27 23.61 -8.81
C ARG F 72 28.92 23.16 -10.23
N LYS F 73 27.66 23.26 -10.57
CA LYS F 73 27.16 22.82 -11.86
C LYS F 73 25.87 23.61 -12.11
N HIS F 74 25.58 23.91 -13.36
CA HIS F 74 24.43 24.74 -13.65
C HIS F 74 23.54 24.06 -14.67
N TYR F 75 22.23 24.16 -14.50
CA TYR F 75 21.28 23.53 -15.42
C TYR F 75 20.21 24.52 -15.86
N GLU F 76 19.90 24.51 -17.15
CA GLU F 76 18.80 25.33 -17.64
C GLU F 76 17.50 24.86 -16.99
N LEU F 78 16.08 21.47 -14.49
CA LEU F 78 16.48 20.32 -13.69
C LEU F 78 15.28 19.61 -13.07
N PHE F 79 15.19 18.31 -13.29
CA PHE F 79 14.20 17.50 -12.56
C PHE F 79 14.83 16.93 -11.28
N VAL F 80 14.23 17.20 -10.12
CA VAL F 80 14.77 16.69 -8.86
C VAL F 80 13.83 15.65 -8.29
N ARG F 81 14.34 14.47 -7.93
CA ARG F 81 13.50 13.40 -7.37
C ARG F 81 13.10 13.73 -5.94
N GLY F 82 11.81 13.71 -5.66
CA GLY F 82 11.28 14.06 -4.35
C GLY F 82 11.92 13.31 -3.19
N ASP F 83 12.12 12.00 -3.37
CA ASP F 83 12.66 11.15 -2.30
C ASP F 83 13.89 11.68 -1.64
N SER F 84 14.66 12.48 -2.36
CA SER F 84 15.97 12.87 -1.85
C SER F 84 15.97 14.26 -1.23
N VAL F 85 14.80 14.89 -1.20
CA VAL F 85 14.66 16.25 -0.68
C VAL F 85 14.51 16.26 0.84
N ILE F 86 15.42 16.93 1.54
CA ILE F 86 15.34 17.11 2.98
C ILE F 86 14.76 18.46 3.42
N LEU F 87 15.27 19.56 2.85
CA LEU F 87 14.80 20.92 3.18
C LEU F 87 14.45 21.70 1.93
N ILE F 88 13.45 22.57 2.06
CA ILE F 88 13.13 23.55 1.04
C ILE F 88 12.95 24.90 1.72
N ALA F 89 13.70 25.90 1.28
CA ALA F 89 13.49 27.25 1.80
C ALA F 89 13.14 28.23 0.68
N PRO F 90 12.08 29.01 0.88
CA PRO F 90 11.66 30.00 -0.12
C PRO F 90 12.59 31.18 -0.05
N PRO F 91 12.53 32.09 -1.04
CA PRO F 91 13.37 33.29 -1.04
C PRO F 91 12.91 34.22 0.08
N ARG F 92 13.80 35.04 0.59
CA ARG F 92 13.44 35.95 1.68
C ARG F 92 12.56 37.10 1.19
N ASN F 93 11.40 37.29 1.82
CA ASN F 93 10.45 38.31 1.37
C ASN F 93 10.03 38.14 -0.10
N GLU G 9 0.26 -8.89 21.10
CA GLU G 9 1.02 -9.56 22.15
C GLU G 9 2.39 -8.84 22.37
N PRO G 10 3.27 -8.78 21.37
CA PRO G 10 4.55 -8.09 21.61
C PRO G 10 4.41 -6.60 21.99
N LEU G 11 3.46 -5.90 21.39
CA LEU G 11 3.21 -4.51 21.77
C LEU G 11 2.66 -4.38 23.20
N ASP G 12 2.19 -5.46 23.80
CA ASP G 12 1.68 -5.39 25.17
C ASP G 12 2.77 -4.84 26.09
N LEU G 13 4.01 -5.18 25.79
CA LEU G 13 5.10 -4.74 26.61
C LEU G 13 5.18 -3.21 26.64
N VAL G 14 4.97 -2.58 25.49
CA VAL G 14 5.02 -1.12 25.42
C VAL G 14 3.81 -0.54 26.13
N ARG G 15 2.66 -1.17 25.92
CA ARG G 15 1.42 -0.74 26.51
C ARG G 15 1.44 -0.81 28.06
N LEU G 16 1.97 -1.90 28.59
CA LEU G 16 2.07 -2.09 30.02
C LEU G 16 3.10 -1.13 30.65
N SER G 17 3.92 -0.49 29.81
CA SER G 17 4.95 0.42 30.29
C SER G 17 4.48 1.86 30.33
N LEU G 18 3.22 2.10 29.99
CA LEU G 18 2.66 3.43 30.05
C LEU G 18 2.93 3.99 31.45
N ASP G 19 3.48 5.19 31.50
CA ASP G 19 3.85 5.84 32.75
C ASP G 19 5.04 5.29 33.52
N GLU G 20 5.63 4.20 33.03
CA GLU G 20 6.86 3.68 33.62
C GLU G 20 8.02 4.33 32.91
N ILE G 21 9.22 4.16 33.44
CA ILE G 21 10.42 4.72 32.82
C ILE G 21 11.07 3.69 31.93
N VAL G 22 11.06 3.95 30.62
CA VAL G 22 11.52 2.96 29.65
C VAL G 22 12.87 3.31 29.12
N TYR G 23 13.62 2.28 28.72
CA TYR G 23 14.85 2.45 27.98
C TYR G 23 14.55 2.23 26.52
N VAL G 24 15.07 3.11 25.66
CA VAL G 24 14.86 2.97 24.23
C VAL G 24 16.19 3.07 23.51
N LYS G 25 16.50 2.09 22.68
CA LYS G 25 17.68 2.15 21.84
C LYS G 25 17.25 2.55 20.43
N LEU G 26 17.82 3.63 19.89
CA LEU G 26 17.51 4.07 18.54
C LEU G 26 18.60 3.63 17.57
N ARG G 27 18.35 3.76 16.28
CA ARG G 27 19.38 3.48 15.28
C ARG G 27 20.58 4.40 15.44
N GLY G 28 21.77 3.82 15.39
CA GLY G 28 22.99 4.59 15.31
C GLY G 28 23.47 5.29 16.56
N ASP G 29 23.82 4.52 17.58
CA ASP G 29 24.59 5.06 18.70
C ASP G 29 23.79 5.98 19.63
N ARG G 30 22.47 5.92 19.58
CA ARG G 30 21.65 6.79 20.42
C ARG G 30 20.74 5.97 21.35
N GLU G 31 20.54 6.47 22.57
CA GLU G 31 19.71 5.82 23.55
C GLU G 31 18.88 6.84 24.27
N LEU G 32 17.75 6.42 24.82
CA LEU G 32 16.92 7.31 25.59
C LEU G 32 16.48 6.63 26.87
N ASN G 33 16.19 7.42 27.89
CA ASN G 33 15.47 6.93 29.06
C ASN G 33 14.45 8.00 29.39
N GLY G 34 13.24 7.60 29.72
CA GLY G 34 12.22 8.59 30.02
C GLY G 34 10.93 7.91 30.42
N ARG G 35 9.97 8.71 30.86
CA ARG G 35 8.69 8.18 31.28
C ARG G 35 7.80 8.13 30.06
N LEU G 36 7.34 6.94 29.71
CA LEU G 36 6.45 6.76 28.56
C LEU G 36 5.09 7.39 28.80
N HIS G 37 4.83 8.53 28.15
CA HIS G 37 3.53 9.20 28.28
C HIS G 37 2.55 8.81 27.18
N ALA G 38 3.06 8.37 26.04
CA ALA G 38 2.18 8.05 24.92
C ALA G 38 2.92 7.30 23.83
N TYR G 39 2.21 6.45 23.12
CA TYR G 39 2.81 5.78 21.97
C TYR G 39 1.70 5.48 20.97
N ASP G 40 2.07 5.11 19.76
CA ASP G 40 1.05 4.78 18.76
C ASP G 40 1.45 3.55 17.96
N GLU G 41 0.64 3.21 16.97
CA GLU G 41 0.86 2.01 16.17
C GLU G 41 2.22 2.01 15.47
N HIS G 42 2.71 3.19 15.10
CA HIS G 42 4.00 3.32 14.42
C HIS G 42 5.18 3.18 15.37
N LEU G 43 4.88 3.11 16.67
CA LEU G 43 5.89 3.11 17.73
C LEU G 43 6.50 4.51 18.02
N ASN G 44 5.83 5.57 17.53
CA ASN G 44 6.14 6.92 17.95
C ASN G 44 5.89 6.96 19.44
N VAL G 46 6.04 9.64 23.11
CA VAL G 46 6.42 10.83 23.86
C VAL G 46 7.03 10.39 25.19
N LEU G 47 8.26 10.79 25.41
CA LEU G 47 8.98 10.50 26.63
C LEU G 47 9.04 11.75 27.51
N GLY G 48 8.72 11.60 28.79
CA GLY G 48 8.83 12.70 29.71
C GLY G 48 10.09 12.63 30.55
N ASP G 49 10.65 13.80 30.88
CA ASP G 49 11.85 13.83 31.70
C ASP G 49 12.87 12.89 31.11
N ALA G 50 13.19 13.10 29.85
CA ALA G 50 13.98 12.14 29.11
C ALA G 50 15.43 12.52 29.05
N GLU G 51 16.28 11.51 29.09
CA GLU G 51 17.70 11.69 28.89
C GLU G 51 18.10 11.03 27.57
N GLU G 52 18.85 11.75 26.74
CA GLU G 52 19.35 11.21 25.50
C GLU G 52 20.83 10.98 25.63
N ILE G 53 21.31 9.82 25.21
CA ILE G 53 22.72 9.48 25.35
C ILE G 53 23.37 9.06 24.03
N VAL G 54 24.19 9.94 23.46
CA VAL G 54 24.99 9.59 22.30
C VAL G 54 26.34 9.06 22.75
N THR G 55 26.75 7.90 22.24
CA THR G 55 28.02 7.31 22.62
C THR G 55 28.78 6.79 21.42
N THR G 70 30.39 9.40 25.21
CA THR G 70 29.12 9.80 25.83
C THR G 70 28.86 11.32 25.91
N ILE G 71 27.90 11.80 25.13
CA ILE G 71 27.37 13.14 25.33
C ILE G 71 25.88 13.08 25.65
N ARG G 72 25.49 13.69 26.77
CA ARG G 72 24.12 13.58 27.26
C ARG G 72 23.34 14.84 27.05
N LYS G 73 22.01 14.73 27.14
CA LYS G 73 21.13 15.83 26.88
C LYS G 73 19.84 15.48 27.58
N HIS G 74 19.13 16.47 28.11
CA HIS G 74 17.92 16.21 28.86
C HIS G 74 16.72 16.96 28.26
N TYR G 75 15.54 16.35 28.27
CA TYR G 75 14.35 17.00 27.75
C TYR G 75 13.19 16.85 28.70
N GLU G 76 12.44 17.94 28.90
CA GLU G 76 11.25 17.88 29.72
C GLU G 76 10.20 16.97 29.07
N LEU G 78 9.77 14.81 25.15
CA LEU G 78 10.46 14.43 23.93
C LEU G 78 9.55 13.60 23.04
N PHE G 79 9.39 14.01 21.79
CA PHE G 79 8.76 13.15 20.79
C PHE G 79 9.80 12.30 20.04
N VAL G 80 9.63 10.98 20.05
CA VAL G 80 10.56 10.08 19.37
C VAL G 80 9.87 9.45 18.17
N ARG G 81 10.50 9.51 17.00
CA ARG G 81 9.91 8.93 15.80
C ARG G 81 10.03 7.43 15.85
N GLY G 82 8.90 6.74 15.78
CA GLY G 82 8.85 5.29 15.75
C GLY G 82 9.84 4.57 14.83
N ASP G 83 9.99 5.04 13.59
CA ASP G 83 10.87 4.39 12.62
C ASP G 83 12.27 4.10 13.13
N SER G 84 12.75 4.89 14.08
CA SER G 84 14.15 4.77 14.48
C SER G 84 14.35 3.94 15.74
N VAL G 85 13.27 3.43 16.31
CA VAL G 85 13.31 2.62 17.51
C VAL G 85 13.69 1.17 17.21
N ILE G 86 14.77 0.71 17.83
CA ILE G 86 15.18 -0.69 17.71
C ILE G 86 14.79 -1.55 18.91
N LEU G 87 15.05 -1.07 20.12
CA LEU G 87 14.72 -1.78 21.35
C LEU G 87 13.91 -0.93 22.32
N ILE G 88 13.04 -1.57 23.09
CA ILE G 88 12.37 -0.90 24.20
C ILE G 88 12.40 -1.83 25.38
N ALA G 89 12.90 -1.35 26.51
CA ALA G 89 12.90 -2.16 27.73
C ALA G 89 12.14 -1.45 28.85
N PRO G 90 11.19 -2.15 29.47
CA PRO G 90 10.48 -1.57 30.62
C PRO G 90 11.38 -1.55 31.84
N PRO G 91 11.00 -0.80 32.88
CA PRO G 91 11.80 -0.79 34.10
C PRO G 91 11.77 -2.18 34.76
N ARG G 92 12.77 -2.52 35.58
CA ARG G 92 12.74 -3.80 36.26
C ARG G 92 11.71 -3.75 37.38
N ASN G 93 10.57 -4.42 37.20
CA ASN G 93 9.35 -4.05 37.94
C ASN G 93 9.45 -2.77 38.83
N GLU H 9 -2.78 -18.30 13.42
CA GLU H 9 -3.67 -19.12 14.23
C GLU H 9 -4.97 -19.37 13.44
N PRO H 10 -5.75 -18.32 13.09
CA PRO H 10 -7.00 -18.61 12.35
C PRO H 10 -6.79 -19.37 11.03
N LEU H 11 -5.74 -19.03 10.30
CA LEU H 11 -5.43 -19.73 9.06
C LEU H 11 -5.04 -21.17 9.29
N ASP H 12 -4.74 -21.54 10.53
CA ASP H 12 -4.40 -22.94 10.84
C ASP H 12 -5.52 -23.88 10.42
N LEU H 13 -6.76 -23.41 10.53
CA LEU H 13 -7.89 -24.19 10.14
C LEU H 13 -7.84 -24.57 8.66
N VAL H 14 -7.48 -23.63 7.81
CA VAL H 14 -7.40 -23.87 6.39
C VAL H 14 -6.25 -24.80 6.12
N ARG H 15 -5.15 -24.58 6.83
CA ARG H 15 -3.94 -25.37 6.69
C ARG H 15 -4.10 -26.85 7.08
N LEU H 16 -4.77 -27.10 8.20
CA LEU H 16 -5.09 -28.43 8.64
C LEU H 16 -6.14 -29.13 7.76
N SER H 17 -6.80 -28.36 6.91
CA SER H 17 -7.78 -28.92 6.00
C SER H 17 -7.18 -29.36 4.66
N LEU H 18 -5.88 -29.18 4.48
CA LEU H 18 -5.23 -29.65 3.26
C LEU H 18 -5.64 -31.11 3.00
N ASP H 19 -6.13 -31.36 1.81
CA ASP H 19 -6.56 -32.70 1.40
C ASP H 19 -7.85 -33.21 1.99
N GLU H 20 -8.45 -32.44 2.89
CA GLU H 20 -9.79 -32.74 3.40
C GLU H 20 -10.82 -32.09 2.50
N ILE H 21 -12.09 -32.46 2.65
CA ILE H 21 -13.16 -31.89 1.85
C ILE H 21 -13.80 -30.72 2.57
N VAL H 22 -13.62 -29.51 2.03
CA VAL H 22 -14.03 -28.33 2.75
C VAL H 22 -15.27 -27.77 2.14
N TYR H 23 -16.03 -27.05 2.97
CA TYR H 23 -17.16 -26.26 2.51
C TYR H 23 -16.72 -24.81 2.44
N VAL H 24 -17.09 -24.13 1.37
CA VAL H 24 -16.70 -22.73 1.19
C VAL H 24 -17.92 -21.93 0.83
N LYS H 25 -18.18 -20.86 1.56
CA LYS H 25 -19.26 -19.96 1.17
C LYS H 25 -18.66 -18.73 0.50
N LEU H 26 -19.09 -18.42 -0.71
CA LEU H 26 -18.59 -17.25 -1.41
C LEU H 26 -19.57 -16.08 -1.28
N ARG H 27 -19.16 -14.89 -1.68
CA ARG H 27 -20.11 -13.79 -1.73
C ARG H 27 -21.24 -14.07 -2.72
N GLY H 28 -22.46 -13.75 -2.30
CA GLY H 28 -23.60 -13.72 -3.20
C GLY H 28 -24.17 -15.03 -3.67
N ASP H 29 -24.70 -15.82 -2.72
CA ASP H 29 -25.52 -16.97 -3.09
C ASP H 29 -24.76 -18.13 -3.72
N ARG H 30 -23.45 -18.18 -3.54
CA ARG H 30 -22.68 -19.29 -4.11
C ARG H 30 -21.95 -20.08 -3.01
N GLU H 31 -21.83 -21.39 -3.21
CA GLU H 31 -21.17 -22.26 -2.25
C GLU H 31 -20.37 -23.30 -3.01
N LEU H 32 -19.35 -23.84 -2.36
CA LEU H 32 -18.53 -24.87 -2.97
C LEU H 32 -18.29 -25.97 -1.97
N ASN H 33 -18.02 -27.16 -2.47
CA ASN H 33 -17.53 -28.28 -1.68
C ASN H 33 -16.48 -28.97 -2.52
N GLY H 34 -15.34 -29.29 -1.93
CA GLY H 34 -14.31 -29.90 -2.73
C GLY H 34 -13.14 -30.23 -1.87
N ARG H 35 -12.20 -31.00 -2.41
CA ARG H 35 -11.00 -31.38 -1.70
C ARG H 35 -9.96 -30.28 -1.82
N LEU H 36 -9.54 -29.72 -0.69
CA LEU H 36 -8.57 -28.63 -0.68
C LEU H 36 -7.18 -29.12 -1.11
N HIS H 37 -6.78 -28.76 -2.34
CA HIS H 37 -5.46 -29.16 -2.82
C HIS H 37 -4.40 -28.10 -2.57
N ALA H 38 -4.82 -26.85 -2.49
CA ALA H 38 -3.85 -25.79 -2.34
C ALA H 38 -4.51 -24.49 -1.91
N TYR H 39 -3.79 -23.69 -1.14
CA TYR H 39 -4.28 -22.35 -0.83
C TYR H 39 -3.09 -21.42 -0.66
N ASP H 40 -3.34 -20.12 -0.63
CA ASP H 40 -2.26 -19.16 -0.42
C ASP H 40 -2.68 -18.05 0.53
N GLU H 41 -1.79 -17.09 0.71
CA GLU H 41 -1.97 -16.03 1.71
C GLU H 41 -3.24 -15.20 1.42
N HIS H 42 -3.61 -15.10 0.15
CA HIS H 42 -4.78 -14.34 -0.27
C HIS H 42 -6.06 -15.16 -0.08
N LEU H 43 -5.92 -16.44 0.30
CA LEU H 43 -7.04 -17.34 0.48
C LEU H 43 -7.55 -17.91 -0.87
N ASN H 44 -6.80 -17.67 -1.94
CA ASN H 44 -7.02 -18.40 -3.18
C ASN H 44 -6.96 -19.89 -2.87
N VAL H 46 -7.34 -24.06 -4.63
CA VAL H 46 -7.69 -25.01 -5.66
C VAL H 46 -8.46 -26.14 -5.00
N LEU H 47 -9.69 -26.35 -5.47
CA LEU H 47 -10.57 -27.41 -4.99
C LEU H 47 -10.62 -28.56 -6.02
N GLY H 48 -10.42 -29.77 -5.56
CA GLY H 48 -10.56 -30.93 -6.42
C GLY H 48 -11.92 -31.58 -6.30
N ASP H 49 -12.44 -32.10 -7.40
CA ASP H 49 -13.71 -32.79 -7.39
C ASP H 49 -14.76 -31.92 -6.71
N ALA H 50 -14.92 -30.72 -7.25
CA ALA H 50 -15.66 -29.68 -6.56
C ALA H 50 -17.06 -29.56 -7.10
N GLU H 51 -17.97 -29.23 -6.20
CA GLU H 51 -19.35 -28.95 -6.55
C GLU H 51 -19.62 -27.49 -6.26
N GLU H 52 -20.22 -26.80 -7.20
CA GLU H 52 -20.63 -25.43 -7.00
C GLU H 52 -22.15 -25.34 -6.94
N ILE H 53 -22.68 -24.64 -5.94
CA ILE H 53 -24.11 -24.59 -5.72
C ILE H 53 -24.63 -23.17 -5.64
N VAL H 54 -25.29 -22.71 -6.70
CA VAL H 54 -25.96 -21.42 -6.66
C VAL H 54 -27.39 -21.64 -6.19
N THR H 55 -27.83 -20.85 -5.22
CA THR H 55 -29.20 -20.96 -4.72
C THR H 55 -29.86 -19.60 -4.55
N THR H 70 -31.71 -23.74 -6.47
CA THR H 70 -30.46 -24.52 -6.56
C THR H 70 -30.09 -24.95 -7.98
N ILE H 71 -29.02 -24.38 -8.52
CA ILE H 71 -28.41 -24.93 -9.72
C ILE H 71 -26.96 -25.35 -9.45
N ARG H 72 -26.65 -26.62 -9.72
CA ARG H 72 -25.36 -27.20 -9.36
C ARG H 72 -24.46 -27.35 -10.57
N LYS H 73 -23.18 -27.58 -10.32
CA LYS H 73 -22.18 -27.68 -11.37
C LYS H 73 -20.98 -28.38 -10.75
N HIS H 74 -20.29 -29.19 -11.53
CA HIS H 74 -19.21 -30.00 -10.96
C HIS H 74 -17.92 -29.77 -11.71
N TYR H 75 -16.81 -29.72 -10.99
CA TYR H 75 -15.52 -29.49 -11.61
C TYR H 75 -14.48 -30.49 -11.13
N GLU H 76 -13.68 -31.00 -12.06
CA GLU H 76 -12.60 -31.89 -11.69
C GLU H 76 -11.57 -31.14 -10.84
N LEU H 78 -10.86 -26.90 -9.56
CA LEU H 78 -11.41 -25.55 -9.54
C LEU H 78 -10.48 -24.56 -8.84
N PHE H 79 -10.13 -23.47 -9.53
CA PHE H 79 -9.45 -22.36 -8.86
C PHE H 79 -10.48 -21.37 -8.33
N VAL H 80 -10.41 -21.07 -7.03
CA VAL H 80 -11.31 -20.09 -6.39
C VAL H 80 -10.53 -18.85 -5.99
N ARG H 81 -10.98 -17.68 -6.40
CA ARG H 81 -10.32 -16.44 -6.01
C ARG H 81 -10.60 -16.13 -4.55
N GLY H 82 -9.52 -15.92 -3.79
CA GLY H 82 -9.61 -15.63 -2.38
C GLY H 82 -10.52 -14.49 -1.99
N ASP H 83 -10.52 -13.42 -2.77
CA ASP H 83 -11.30 -12.22 -2.45
C ASP H 83 -12.76 -12.49 -2.21
N SER H 84 -13.26 -13.57 -2.80
CA SER H 84 -14.70 -13.83 -2.72
C SER H 84 -15.12 -14.84 -1.67
N VAL H 85 -14.15 -15.40 -0.94
CA VAL H 85 -14.38 -16.33 0.14
C VAL H 85 -14.85 -15.66 1.45
N ILE H 86 -16.02 -16.06 1.94
CA ILE H 86 -16.53 -15.58 3.22
C ILE H 86 -16.31 -16.57 4.37
N LEU H 87 -16.64 -17.84 4.13
CA LEU H 87 -16.54 -18.88 5.15
C LEU H 87 -15.82 -20.10 4.60
N ILE H 88 -15.08 -20.77 5.46
CA ILE H 88 -14.51 -22.07 5.15
C ILE H 88 -14.71 -23.00 6.34
N ALA H 89 -15.30 -24.17 6.08
CA ALA H 89 -15.53 -25.13 7.13
C ALA H 89 -14.86 -26.44 6.77
N PRO H 90 -14.07 -26.99 7.69
CA PRO H 90 -13.45 -28.29 7.45
C PRO H 90 -14.49 -29.39 7.60
N PRO H 91 -14.19 -30.60 7.13
CA PRO H 91 -15.12 -31.71 7.31
C PRO H 91 -15.26 -32.05 8.81
N ARG H 92 -16.37 -32.65 9.21
CA ARG H 92 -16.51 -33.09 10.59
C ARG H 92 -15.64 -34.34 10.76
N ASN H 93 -14.41 -34.25 11.23
CA ASN H 93 -13.54 -35.44 11.31
C ASN H 93 -13.02 -36.01 9.99
N GLU I 9 -0.54 9.80 -20.85
CA GLU I 9 -1.19 9.86 -22.15
C GLU I 9 -2.74 9.93 -22.03
N PRO I 10 -3.40 8.89 -21.48
CA PRO I 10 -4.87 9.00 -21.34
C PRO I 10 -5.33 10.21 -20.51
N LEU I 11 -4.64 10.55 -19.43
CA LEU I 11 -5.03 11.73 -18.65
C LEU I 11 -4.84 13.03 -19.44
N ASP I 12 -4.12 12.98 -20.56
CA ASP I 12 -3.92 14.19 -21.35
C ASP I 12 -5.26 14.79 -21.74
N LEU I 13 -6.24 13.91 -22.01
CA LEU I 13 -7.57 14.35 -22.39
C LEU I 13 -8.19 15.21 -21.32
N VAL I 14 -8.06 14.81 -20.07
CA VAL I 14 -8.58 15.62 -18.99
C VAL I 14 -7.84 16.94 -18.91
N ARG I 15 -6.53 16.89 -19.06
CA ARG I 15 -5.66 18.04 -18.91
C ARG I 15 -5.90 19.09 -20.01
N LEU I 16 -6.07 18.63 -21.25
CA LEU I 16 -6.38 19.54 -22.36
C LEU I 16 -7.80 20.12 -22.25
N SER I 17 -8.61 19.56 -21.35
CA SER I 17 -9.99 20.02 -21.14
C SER I 17 -10.07 21.09 -20.08
N LEU I 18 -8.95 21.48 -19.49
CA LEU I 18 -8.99 22.53 -18.47
C LEU I 18 -9.70 23.74 -19.08
N ASP I 19 -10.67 24.26 -18.34
CA ASP I 19 -11.48 25.40 -18.79
C ASP I 19 -12.48 25.16 -19.92
N GLU I 20 -12.47 23.97 -20.49
CA GLU I 20 -13.51 23.59 -21.43
C GLU I 20 -14.68 23.00 -20.66
N ILE I 21 -15.81 22.81 -21.36
CA ILE I 21 -17.00 22.27 -20.72
C ILE I 21 -17.00 20.79 -20.96
N VAL I 22 -16.88 20.01 -19.89
CA VAL I 22 -16.80 18.57 -20.01
C VAL I 22 -18.08 17.88 -19.60
N TYR I 23 -18.34 16.74 -20.25
CA TYR I 23 -19.36 15.83 -19.77
C TYR I 23 -18.74 14.77 -18.87
N VAL I 24 -19.41 14.47 -17.75
CA VAL I 24 -18.91 13.45 -16.83
C VAL I 24 -20.02 12.47 -16.49
N LYS I 25 -19.74 11.18 -16.66
CA LYS I 25 -20.69 10.17 -16.25
C LYS I 25 -20.21 9.58 -14.94
N LEU I 26 -21.03 9.64 -13.89
CA LEU I 26 -20.66 9.04 -12.61
C LEU I 26 -21.30 7.66 -12.45
N ARG I 27 -20.90 6.91 -11.43
CA ARG I 27 -21.55 5.65 -11.12
C ARG I 27 -23.02 5.85 -10.76
N GLY I 28 -23.89 5.02 -11.32
CA GLY I 28 -25.27 4.96 -10.89
C GLY I 28 -26.22 6.07 -11.31
N ASP I 29 -26.43 6.21 -12.61
CA ASP I 29 -27.52 7.05 -13.11
C ASP I 29 -27.31 8.54 -12.92
N ARG I 30 -26.06 8.95 -12.73
CA ARG I 30 -25.77 10.37 -12.56
C ARG I 30 -24.84 10.90 -13.66
N GLU I 31 -25.06 12.15 -14.08
CA GLU I 31 -24.24 12.79 -15.09
C GLU I 31 -23.97 14.22 -14.69
N LEU I 32 -22.89 14.79 -15.20
CA LEU I 32 -22.60 16.19 -14.95
C LEU I 32 -22.19 16.85 -16.25
N ASN I 33 -22.39 18.17 -16.30
CA ASN I 33 -21.81 19.01 -17.34
C ASN I 33 -21.33 20.25 -16.64
N GLY I 34 -20.14 20.73 -16.99
CA GLY I 34 -19.60 21.89 -16.29
C GLY I 34 -18.26 22.27 -16.85
N ARG I 35 -17.76 23.42 -16.40
CA ARG I 35 -16.47 23.90 -16.88
C ARG I 35 -15.40 23.36 -15.95
N LEU I 36 -14.48 22.59 -16.51
CA LEU I 36 -13.43 21.99 -15.71
C LEU I 36 -12.49 23.05 -15.21
N HIS I 37 -12.56 23.36 -13.92
CA HIS I 37 -11.64 24.32 -13.32
C HIS I 37 -10.38 23.70 -12.70
N ALA I 38 -10.47 22.43 -12.34
CA ALA I 38 -9.39 21.80 -11.61
C ALA I 38 -9.57 20.29 -11.55
N TYR I 39 -8.47 19.56 -11.54
CA TYR I 39 -8.53 18.12 -11.33
C TYR I 39 -7.25 17.66 -10.71
N ASP I 40 -7.22 16.44 -10.18
CA ASP I 40 -6.01 15.93 -9.58
C ASP I 40 -5.76 14.48 -9.98
N GLU I 41 -4.72 13.88 -9.40
CA GLU I 41 -4.32 12.52 -9.74
C GLU I 41 -5.44 11.49 -9.50
N HIS I 42 -6.26 11.71 -8.47
CA HIS I 42 -7.36 10.82 -8.13
C HIS I 42 -8.56 11.01 -9.07
N LEU I 43 -8.48 12.00 -9.95
CA LEU I 43 -9.59 12.34 -10.85
C LEU I 43 -10.69 13.15 -10.14
N ASN I 44 -10.40 13.65 -8.93
CA ASN I 44 -11.25 14.66 -8.34
C ASN I 44 -11.35 15.84 -9.28
N VAL I 46 -13.15 19.97 -9.85
CA VAL I 46 -14.07 21.06 -9.58
C VAL I 46 -14.68 21.50 -10.90
N LEU I 47 -16.02 21.46 -10.97
CA LEU I 47 -16.76 21.85 -12.15
C LEU I 47 -17.43 23.19 -11.85
N GLY I 48 -17.32 24.15 -12.77
CA GLY I 48 -17.99 25.42 -12.62
C GLY I 48 -19.26 25.44 -13.44
N ASP I 49 -20.26 26.15 -12.92
CA ASP I 49 -21.52 26.33 -13.65
C ASP I 49 -22.03 24.98 -14.10
N ALA I 50 -22.20 24.09 -13.12
CA ALA I 50 -22.37 22.69 -13.44
C ALA I 50 -23.84 22.31 -13.32
N GLU I 51 -24.24 21.40 -14.20
CA GLU I 51 -25.56 20.81 -14.17
C GLU I 51 -25.40 19.35 -13.79
N GLU I 52 -26.21 18.90 -12.84
CA GLU I 52 -26.25 17.49 -12.47
C GLU I 52 -27.56 16.89 -12.96
N ILE I 53 -27.49 15.72 -13.60
CA ILE I 53 -28.68 15.10 -14.17
C ILE I 53 -28.88 13.66 -13.71
N VAL I 54 -29.82 13.44 -12.81
CA VAL I 54 -30.18 12.09 -12.40
C VAL I 54 -31.30 11.57 -13.28
N THR I 55 -31.13 10.37 -13.85
CA THR I 55 -32.15 9.81 -14.73
C THR I 55 -32.44 8.36 -14.39
N THR I 70 -35.53 11.97 -15.28
CA THR I 70 -34.66 13.15 -15.27
C THR I 70 -35.01 14.20 -14.20
N ILE I 71 -34.18 14.28 -13.18
CA ILE I 71 -34.26 15.43 -12.28
C ILE I 71 -32.92 16.20 -12.31
N ARG I 72 -32.98 17.50 -12.59
CA ARG I 72 -31.80 18.30 -12.78
C ARG I 72 -31.52 19.20 -11.58
N LYS I 73 -30.28 19.70 -11.51
CA LYS I 73 -29.83 20.51 -10.40
C LYS I 73 -28.64 21.30 -10.92
N HIS I 74 -28.46 22.52 -10.46
CA HIS I 74 -27.40 23.36 -11.01
C HIS I 74 -26.53 23.88 -9.87
N TYR I 75 -25.21 23.92 -10.11
CA TYR I 75 -24.28 24.41 -9.11
C TYR I 75 -23.34 25.47 -9.69
N GLU I 76 -23.13 26.54 -8.93
CA GLU I 76 -22.16 27.53 -9.35
C GLU I 76 -20.77 26.90 -9.39
N LEU I 78 -18.82 23.05 -8.19
CA LEU I 78 -19.09 21.68 -7.75
C LEU I 78 -17.82 20.86 -7.59
N PHE I 79 -17.58 20.31 -6.41
CA PHE I 79 -16.50 19.36 -6.22
C PHE I 79 -17.01 17.95 -6.48
N VAL I 80 -16.39 17.24 -7.41
CA VAL I 80 -16.75 15.85 -7.74
C VAL I 80 -15.67 14.87 -7.26
N ARG I 81 -16.07 13.83 -6.52
CA ARG I 81 -15.09 12.86 -6.02
C ARG I 81 -14.63 11.95 -7.15
N GLY I 82 -13.31 11.86 -7.35
CA GLY I 82 -12.75 11.07 -8.41
C GLY I 82 -13.24 9.63 -8.47
N ASP I 83 -13.32 9.00 -7.30
CA ASP I 83 -13.73 7.58 -7.22
C ASP I 83 -14.97 7.21 -7.99
N SER I 84 -15.87 8.17 -8.17
CA SER I 84 -17.16 7.86 -8.79
C SER I 84 -17.25 8.18 -10.28
N VAL I 85 -16.17 8.72 -10.83
CA VAL I 85 -16.12 9.07 -12.26
C VAL I 85 -15.87 7.86 -13.15
N ILE I 86 -16.77 7.62 -14.09
CA ILE I 86 -16.60 6.55 -15.07
C ILE I 86 -16.14 7.05 -16.44
N LEU I 87 -16.79 8.10 -16.94
CA LEU I 87 -16.46 8.68 -18.24
C LEU I 87 -16.24 10.17 -18.16
N ILE I 88 -15.32 10.67 -18.98
CA ILE I 88 -15.17 12.12 -19.18
C ILE I 88 -15.02 12.39 -20.66
N ALA I 89 -15.85 13.28 -21.18
CA ALA I 89 -15.79 13.65 -22.60
C ALA I 89 -15.57 15.14 -22.69
N PRO I 90 -14.57 15.54 -23.48
CA PRO I 90 -14.34 16.97 -23.71
C PRO I 90 -15.37 17.50 -24.71
N PRO I 91 -15.48 18.84 -24.82
CA PRO I 91 -16.43 19.42 -25.78
C PRO I 91 -16.00 19.09 -27.20
N ARG I 92 -16.94 19.10 -28.14
CA ARG I 92 -16.60 18.80 -29.54
C ARG I 92 -15.89 19.93 -30.28
N ASN I 93 -14.88 19.55 -31.07
CA ASN I 93 -14.06 20.50 -31.84
C ASN I 93 -12.91 21.07 -31.01
N GLU J 9 -5.23 21.63 -5.82
CA GLU J 9 -6.14 22.50 -6.58
C GLU J 9 -7.63 22.13 -6.35
N PRO J 10 -8.08 20.93 -6.75
CA PRO J 10 -9.52 20.60 -6.53
C PRO J 10 -9.94 20.63 -5.07
N LEU J 11 -9.12 20.14 -4.15
CA LEU J 11 -9.42 20.26 -2.73
C LEU J 11 -9.50 21.73 -2.24
N ASP J 12 -9.00 22.68 -3.03
CA ASP J 12 -9.05 24.07 -2.61
C ASP J 12 -10.49 24.46 -2.33
N LEU J 13 -11.40 23.87 -3.11
CA LEU J 13 -12.80 24.21 -3.00
C LEU J 13 -13.30 23.86 -1.61
N VAL J 14 -12.90 22.70 -1.09
CA VAL J 14 -13.32 22.28 0.23
C VAL J 14 -12.68 23.17 1.26
N ARG J 15 -11.40 23.49 1.06
CA ARG J 15 -10.62 24.29 1.98
C ARG J 15 -11.14 25.74 2.13
N LEU J 16 -11.49 26.35 0.99
CA LEU J 16 -12.10 27.67 1.00
C LEU J 16 -13.50 27.66 1.58
N SER J 17 -14.11 26.49 1.71
CA SER J 17 -15.45 26.36 2.29
C SER J 17 -15.46 26.25 3.81
N LEU J 18 -14.28 26.23 4.44
CA LEU J 18 -14.22 26.17 5.89
C LEU J 18 -15.14 27.23 6.48
N ASP J 19 -16.03 26.80 7.36
CA ASP J 19 -16.97 27.69 8.04
C ASP J 19 -18.12 28.20 7.20
N GLU J 20 -18.13 27.86 5.92
CA GLU J 20 -19.29 28.15 5.10
C GLU J 20 -20.26 26.97 5.21
N ILE J 21 -21.47 27.14 4.67
CA ILE J 21 -22.45 26.09 4.69
C ILE J 21 -22.39 25.30 3.38
N VAL J 22 -21.98 24.04 3.47
CA VAL J 22 -21.79 23.24 2.26
C VAL J 22 -22.91 22.25 2.05
N TYR J 23 -23.11 21.88 0.80
CA TYR J 23 -24.00 20.79 0.43
C TYR J 23 -23.15 19.59 0.12
N VAL J 24 -23.52 18.43 0.66
CA VAL J 24 -22.77 17.21 0.42
C VAL J 24 -23.69 16.13 -0.03
N LYS J 25 -23.37 15.48 -1.15
CA LYS J 25 -24.16 14.35 -1.61
C LYS J 25 -23.40 13.08 -1.27
N LEU J 26 -24.01 12.18 -0.52
CA LEU J 26 -23.36 10.91 -0.19
C LEU J 26 -23.81 9.78 -1.13
N ARG J 27 -23.16 8.62 -1.04
CA ARG J 27 -23.62 7.47 -1.81
C ARG J 27 -24.99 7.01 -1.34
N GLY J 28 -25.87 6.74 -2.30
CA GLY J 28 -27.14 6.11 -2.00
C GLY J 28 -28.24 6.95 -1.37
N ASP J 29 -28.70 7.97 -2.08
CA ASP J 29 -29.94 8.65 -1.70
C ASP J 29 -29.84 9.51 -0.45
N ARG J 30 -28.63 9.87 -0.04
CA ARG J 30 -28.47 10.69 1.15
C ARG J 30 -27.78 12.02 0.83
N GLU J 31 -28.16 13.08 1.54
CA GLU J 31 -27.60 14.41 1.32
C GLU J 31 -27.41 15.07 2.65
N LEU J 32 -26.52 16.06 2.69
CA LEU J 32 -26.31 16.78 3.93
C LEU J 32 -26.19 18.25 3.61
N ASN J 33 -26.55 19.07 4.59
CA ASN J 33 -26.21 20.50 4.55
C ASN J 33 -25.72 20.86 5.93
N GLY J 34 -24.69 21.69 6.02
CA GLY J 34 -24.16 22.01 7.33
C GLY J 34 -22.98 22.95 7.20
N ARG J 35 -22.51 23.46 8.33
CA ARG J 35 -21.37 24.35 8.33
C ARG J 35 -20.12 23.51 8.46
N LEU J 36 -19.23 23.61 7.47
CA LEU J 36 -17.98 22.87 7.46
C LEU J 36 -17.05 23.34 8.55
N HIS J 37 -16.88 22.54 9.60
CA HIS J 37 -15.97 22.91 10.68
C HIS J 37 -14.59 22.28 10.54
N ALA J 38 -14.50 21.17 9.81
CA ALA J 38 -13.24 20.48 9.68
C ALA J 38 -13.29 19.45 8.58
N TYR J 39 -12.14 19.18 7.98
CA TYR J 39 -12.03 18.13 6.99
C TYR J 39 -10.60 17.62 6.97
N ASP J 40 -10.38 16.46 6.37
CA ASP J 40 -9.03 15.93 6.29
C ASP J 40 -8.75 15.37 4.90
N GLU J 41 -7.58 14.77 4.74
CA GLU J 41 -7.12 14.26 3.45
C GLU J 41 -8.08 13.20 2.88
N HIS J 42 -8.68 12.40 3.75
CA HIS J 42 -9.63 11.36 3.34
C HIS J 42 -11.00 11.93 2.96
N LEU J 43 -11.18 13.24 3.19
CA LEU J 43 -12.43 13.90 2.92
C LEU J 43 -13.47 13.64 4.05
N ASN J 44 -13.00 13.14 5.18
CA ASN J 44 -13.82 13.13 6.37
C ASN J 44 -14.17 14.57 6.73
N VAL J 46 -16.41 17.26 9.60
CA VAL J 46 -17.37 17.55 10.67
C VAL J 46 -18.27 18.70 10.21
N LEU J 47 -19.56 18.44 10.17
CA LEU J 47 -20.57 19.43 9.78
C LEU J 47 -21.33 19.93 11.01
N GLY J 48 -21.42 21.24 11.16
CA GLY J 48 -22.15 21.83 12.28
C GLY J 48 -23.57 22.24 11.88
N ASP J 49 -24.53 22.03 12.78
CA ASP J 49 -25.90 22.41 12.52
C ASP J 49 -26.34 21.78 11.23
N ALA J 50 -26.23 20.46 11.16
CA ALA J 50 -26.37 19.77 9.91
C ALA J 50 -27.76 19.18 9.74
N GLU J 51 -28.21 19.16 8.50
CA GLU J 51 -29.45 18.51 8.14
C GLU J 51 -29.13 17.32 7.22
N GLU J 52 -29.70 16.17 7.54
CA GLU J 52 -29.53 15.00 6.70
C GLU J 52 -30.84 14.75 5.97
N ILE J 53 -30.78 14.46 4.68
CA ILE J 53 -31.99 14.27 3.90
C ILE J 53 -31.95 12.97 3.09
N VAL J 54 -32.71 11.98 3.55
CA VAL J 54 -32.88 10.76 2.77
C VAL J 54 -34.08 10.88 1.86
N THR J 55 -33.92 10.56 0.59
CA THR J 55 -35.03 10.67 -0.35
C THR J 55 -35.10 9.44 -1.27
N THR J 70 -38.66 11.80 1.10
CA THR J 70 -37.89 12.68 1.98
C THR J 70 -38.13 12.46 3.48
N ILE J 71 -37.13 11.92 4.16
CA ILE J 71 -37.12 11.93 5.62
C ILE J 71 -35.88 12.73 6.10
N ARG J 72 -36.11 13.71 6.96
CA ARG J 72 -35.06 14.60 7.40
C ARG J 72 -34.63 14.31 8.83
N LYS J 73 -33.48 14.84 9.20
CA LYS J 73 -32.92 14.61 10.52
C LYS J 73 -31.91 15.73 10.73
N HIS J 74 -31.77 16.21 11.96
CA HIS J 74 -30.90 17.35 12.22
C HIS J 74 -29.87 16.99 13.27
N TYR J 75 -28.65 17.51 13.13
CA TYR J 75 -27.59 17.24 14.10
C TYR J 75 -26.89 18.53 14.49
N GLU J 76 -26.60 18.66 15.78
CA GLU J 76 -25.82 19.80 16.23
C GLU J 76 -24.40 19.71 15.64
N LEU J 78 -21.95 16.79 13.32
CA LEU J 78 -21.99 15.54 12.56
C LEU J 78 -20.62 15.18 11.98
N PHE J 79 -20.13 13.98 12.28
CA PHE J 79 -18.94 13.46 11.60
C PHE J 79 -19.35 12.66 10.37
N VAL J 80 -18.83 13.06 9.21
CA VAL J 80 -19.14 12.35 7.97
C VAL J 80 -17.93 11.58 7.47
N ARG J 81 -18.08 10.30 7.19
CA ARG J 81 -16.99 9.51 6.65
C ARG J 81 -16.69 9.92 5.21
N GLY J 82 -15.42 10.27 4.96
CA GLY J 82 -14.97 10.65 3.63
C GLY J 82 -15.35 9.68 2.53
N ASP J 83 -15.14 8.38 2.76
CA ASP J 83 -15.37 7.37 1.73
C ASP J 83 -16.71 7.48 1.02
N SER J 84 -17.71 8.04 1.69
CA SER J 84 -19.06 7.98 1.14
C SER J 84 -19.47 9.31 0.50
N VAL J 85 -18.57 10.29 0.49
CA VAL J 85 -18.81 11.57 -0.17
C VAL J 85 -18.65 11.50 -1.69
N ILE J 86 -19.70 11.86 -2.42
CA ILE J 86 -19.64 11.99 -3.87
C ILE J 86 -19.46 13.44 -4.39
N LEU J 87 -20.26 14.36 -3.86
CA LEU J 87 -20.21 15.75 -4.27
C LEU J 87 -20.10 16.66 -3.06
N ILE J 88 -19.45 17.80 -3.25
CA ILE J 88 -19.47 18.87 -2.26
C ILE J 88 -19.65 20.16 -3.00
N ALA J 89 -20.66 20.95 -2.61
CA ALA J 89 -20.87 22.26 -3.22
C ALA J 89 -20.80 23.34 -2.16
N PRO J 90 -20.00 24.38 -2.40
CA PRO J 90 -19.94 25.52 -1.45
C PRO J 90 -21.17 26.40 -1.61
N PRO J 91 -21.42 27.28 -0.64
CA PRO J 91 -22.57 28.17 -0.75
C PRO J 91 -22.41 29.11 -1.93
N ARG J 92 -23.51 29.64 -2.46
CA ARG J 92 -23.41 30.55 -3.60
C ARG J 92 -22.88 31.93 -3.22
N ASN J 93 -21.83 32.34 -3.94
CA ASN J 93 -21.15 33.62 -3.73
C ASN J 93 -20.54 33.73 -2.33
N GLU K 9 -8.03 17.01 13.05
CA GLU K 9 -9.16 17.91 13.26
C GLU K 9 -10.55 17.20 13.21
N PRO K 10 -10.95 16.63 12.06
CA PRO K 10 -12.27 15.96 12.02
C PRO K 10 -12.41 14.80 13.02
N LEU K 11 -11.35 14.03 13.23
CA LEU K 11 -11.42 12.96 14.20
C LEU K 11 -11.58 13.50 15.60
N ASP K 12 -11.35 14.78 15.81
CA ASP K 12 -11.44 15.33 17.17
C ASP K 12 -12.85 15.12 17.69
N LEU K 13 -13.81 15.11 16.78
CA LEU K 13 -15.19 14.93 17.19
C LEU K 13 -15.39 13.56 17.84
N VAL K 14 -14.76 12.53 17.27
CA VAL K 14 -14.89 11.19 17.79
C VAL K 14 -14.18 11.14 19.12
N ARG K 15 -13.01 11.77 19.17
CA ARG K 15 -12.15 11.75 20.35
C ARG K 15 -12.79 12.42 21.56
N LEU K 16 -13.40 13.58 21.33
CA LEU K 16 -14.13 14.29 22.35
C LEU K 16 -15.41 13.57 22.79
N SER K 17 -15.83 12.58 22.01
CA SER K 17 -17.03 11.81 22.36
C SER K 17 -16.72 10.59 23.20
N LEU K 18 -15.46 10.40 23.56
CA LEU K 18 -15.12 9.26 24.40
C LEU K 18 -16.03 9.32 25.63
N ASP K 19 -16.66 8.19 25.95
CA ASP K 19 -17.56 8.07 27.10
C ASP K 19 -18.93 8.76 27.01
N GLU K 20 -19.15 9.49 25.93
CA GLU K 20 -20.46 10.04 25.65
C GLU K 20 -21.25 9.02 24.85
N ILE K 21 -22.55 9.28 24.69
CA ILE K 21 -23.39 8.39 23.93
C ILE K 21 -23.49 8.89 22.52
N VAL K 22 -22.97 8.10 21.58
CA VAL K 22 -22.91 8.53 20.19
C VAL K 22 -23.94 7.82 19.32
N TYR K 23 -24.37 8.51 18.28
CA TYR K 23 -25.17 7.89 17.24
C TYR K 23 -24.25 7.52 16.07
N VAL K 24 -24.42 6.33 15.53
CA VAL K 24 -23.59 5.89 14.43
C VAL K 24 -24.49 5.36 13.34
N LYS K 25 -24.33 5.87 12.12
CA LYS K 25 -25.04 5.32 10.97
C LYS K 25 -24.11 4.40 10.19
N LEU K 26 -24.49 3.15 9.96
CA LEU K 26 -23.64 2.23 9.21
C LEU K 26 -24.16 2.09 7.79
N ARG K 27 -23.38 1.48 6.90
CA ARG K 27 -23.86 1.22 5.54
C ARG K 27 -25.07 0.32 5.58
N GLY K 28 -26.06 0.63 4.76
CA GLY K 28 -27.19 -0.25 4.53
C GLY K 28 -28.25 -0.43 5.62
N ASP K 29 -28.91 0.65 5.98
CA ASP K 29 -30.12 0.54 6.78
C ASP K 29 -29.89 0.18 8.24
N ARG K 30 -28.67 0.36 8.74
CA ARG K 30 -28.38 0.02 10.13
C ARG K 30 -27.94 1.25 10.93
N GLU K 31 -28.31 1.32 12.19
CA GLU K 31 -27.90 2.42 13.05
C GLU K 31 -27.52 1.88 14.41
N LEU K 32 -26.71 2.63 15.14
CA LEU K 32 -26.36 2.23 16.50
C LEU K 32 -26.48 3.44 17.42
N ASN K 33 -26.68 3.18 18.70
CA ASN K 33 -26.52 4.19 19.74
C ASN K 33 -25.84 3.50 20.88
N GLY K 34 -24.85 4.13 21.48
CA GLY K 34 -24.13 3.49 22.56
C GLY K 34 -23.10 4.41 23.15
N ARG K 35 -22.51 4.00 24.26
CA ARG K 35 -21.46 4.79 24.89
C ARG K 35 -20.12 4.42 24.27
N LEU K 36 -19.47 5.41 23.67
CA LEU K 36 -18.19 5.19 23.04
C LEU K 36 -17.11 4.89 24.07
N HIS K 37 -16.69 3.64 24.15
CA HIS K 37 -15.62 3.23 25.08
C HIS K 37 -14.23 3.25 24.46
N ALA K 38 -14.17 3.14 23.14
CA ALA K 38 -12.90 3.01 22.46
C ALA K 38 -13.04 3.13 20.95
N TYR K 39 -12.01 3.68 20.32
CA TYR K 39 -11.98 3.77 18.88
C TYR K 39 -10.53 3.76 18.42
N ASP K 40 -10.31 3.53 17.14
CA ASP K 40 -8.96 3.54 16.64
C ASP K 40 -8.87 4.26 15.30
N GLU K 41 -7.70 4.22 14.68
CA GLU K 41 -7.45 4.98 13.45
C GLU K 41 -8.36 4.54 12.31
N HIS K 42 -8.76 3.27 12.31
CA HIS K 42 -9.63 2.71 11.28
C HIS K 42 -11.11 3.06 11.52
N LEU K 43 -11.36 3.69 12.67
CA LEU K 43 -12.71 4.06 13.06
C LEU K 43 -13.50 2.84 13.60
N ASN K 44 -12.79 1.77 13.94
CA ASN K 44 -13.36 0.72 14.74
C ASN K 44 -13.77 1.30 16.06
N VAL K 46 -15.75 0.40 20.07
CA VAL K 46 -16.49 -0.40 21.01
C VAL K 46 -17.55 0.47 21.65
N LEU K 47 -18.79 0.04 21.52
CA LEU K 47 -19.93 0.77 22.05
C LEU K 47 -20.49 0.01 23.25
N GLY K 48 -20.68 0.72 24.35
CA GLY K 48 -21.26 0.12 25.54
C GLY K 48 -22.74 0.38 25.63
N ASP K 49 -23.51 -0.63 26.09
CA ASP K 49 -24.93 -0.48 26.28
C ASP K 49 -25.53 0.00 24.98
N ALA K 50 -25.29 -0.78 23.93
CA ALA K 50 -25.60 -0.31 22.60
C ALA K 50 -26.90 -0.86 22.07
N GLU K 51 -27.61 -0.03 21.33
CA GLU K 51 -28.83 -0.43 20.64
C GLU K 51 -28.57 -0.43 19.15
N GLU K 52 -28.93 -1.53 18.50
CA GLU K 52 -28.82 -1.61 17.04
C GLU K 52 -30.20 -1.53 16.44
N ILE K 53 -30.39 -0.68 15.41
CA ILE K 53 -31.70 -0.49 14.80
C ILE K 53 -31.66 -0.70 13.30
N VAL K 54 -32.22 -1.82 12.83
CA VAL K 54 -32.36 -2.05 11.39
C VAL K 54 -33.73 -1.56 10.96
N THR K 55 -33.78 -0.75 9.89
CA THR K 55 -35.05 -0.22 9.40
C THR K 55 -35.18 -0.33 7.89
N THR K 70 -38.43 -1.38 11.36
CA THR K 70 -37.59 -1.30 12.56
C THR K 70 -37.54 -2.59 13.38
N ILE K 71 -36.38 -3.23 13.36
CA ILE K 71 -36.12 -4.31 14.31
C ILE K 71 -34.90 -3.96 15.15
N ARG K 72 -35.07 -3.98 16.47
CA ARG K 72 -34.06 -3.54 17.41
C ARG K 72 -33.33 -4.70 18.07
N LYS K 73 -32.18 -4.40 18.65
CA LYS K 73 -31.38 -5.40 19.32
C LYS K 73 -30.47 -4.64 20.29
N HIS K 74 -30.17 -5.23 21.44
CA HIS K 74 -29.39 -4.51 22.44
C HIS K 74 -28.15 -5.33 22.83
N TYR K 75 -27.03 -4.63 23.06
CA TYR K 75 -25.78 -5.31 23.41
C TYR K 75 -25.15 -4.63 24.60
N GLU K 76 -24.63 -5.43 25.51
CA GLU K 76 -23.91 -4.89 26.65
C GLU K 76 -22.61 -4.22 26.16
N LEU K 78 -20.37 -3.82 22.31
CA LEU K 78 -20.44 -4.07 20.88
C LEU K 78 -19.19 -3.58 20.18
N PHE K 79 -18.57 -4.44 19.38
CA PHE K 79 -17.47 -4.01 18.54
C PHE K 79 -18.03 -3.69 17.16
N VAL K 80 -17.80 -2.47 16.69
CA VAL K 80 -18.23 -2.06 15.35
C VAL K 80 -17.04 -1.91 14.40
N ARG K 81 -17.08 -2.58 13.25
CA ARG K 81 -16.00 -2.46 12.27
C ARG K 81 -16.03 -1.09 11.63
N GLY K 82 -14.91 -0.37 11.70
CA GLY K 82 -14.77 0.95 11.12
C GLY K 82 -15.24 1.08 9.67
N ASP K 83 -14.81 0.14 8.80
CA ASP K 83 -15.15 0.18 7.38
C ASP K 83 -16.59 0.48 7.07
N SER K 84 -17.49 0.16 7.99
CA SER K 84 -18.91 0.27 7.67
C SER K 84 -19.55 1.52 8.27
N VAL K 85 -18.75 2.31 8.99
CA VAL K 85 -19.24 3.58 9.56
C VAL K 85 -19.35 4.73 8.56
N ILE K 86 -20.54 5.27 8.39
CA ILE K 86 -20.77 6.43 7.52
C ILE K 86 -20.86 7.76 8.30
N LEU K 87 -21.65 7.79 9.36
CA LEU K 87 -21.84 8.99 10.18
C LEU K 87 -21.64 8.69 11.67
N ILE K 88 -21.12 9.68 12.39
CA ILE K 88 -21.05 9.62 13.84
C ILE K 88 -21.47 10.96 14.38
N ALA K 89 -22.46 10.95 15.25
CA ALA K 89 -22.92 12.18 15.90
C ALA K 89 -22.78 12.07 17.40
N PRO K 90 -22.12 13.06 18.01
CA PRO K 90 -22.01 13.11 19.47
C PRO K 90 -23.34 13.51 20.07
N PRO K 91 -23.50 13.34 21.39
CA PRO K 91 -24.76 13.73 22.06
C PRO K 91 -24.89 15.25 22.04
N ARG K 92 -26.11 15.75 22.15
CA ARG K 92 -26.35 17.20 22.12
C ARG K 92 -26.03 17.98 23.40
N ASN K 93 -25.61 19.22 23.18
CA ASN K 93 -25.38 20.25 24.20
C ASN K 93 -23.90 20.62 24.36
N GLU L 9 2.59 -9.47 -20.64
CA GLU L 9 2.03 -10.39 -21.62
C GLU L 9 0.53 -10.10 -21.87
N PRO L 10 -0.36 -10.28 -20.85
CA PRO L 10 -1.78 -9.98 -21.10
C PRO L 10 -2.06 -8.55 -21.58
N LEU L 11 -1.37 -7.57 -21.03
CA LEU L 11 -1.55 -6.20 -21.51
C LEU L 11 -1.08 -6.00 -22.96
N ASP L 12 -0.30 -6.95 -23.47
CA ASP L 12 0.16 -6.83 -24.86
C ASP L 12 -1.01 -6.68 -25.81
N LEU L 13 -2.11 -7.34 -25.49
CA LEU L 13 -3.30 -7.25 -26.32
C LEU L 13 -3.81 -5.82 -26.40
N VAL L 14 -3.83 -5.11 -25.28
CA VAL L 14 -4.28 -3.71 -25.29
C VAL L 14 -3.29 -2.88 -26.09
N ARG L 15 -2.00 -3.15 -25.88
CA ARG L 15 -0.93 -2.38 -26.51
C ARG L 15 -0.91 -2.56 -28.03
N LEU L 16 -1.09 -3.80 -28.48
CA LEU L 16 -1.17 -4.07 -29.91
C LEU L 16 -2.45 -3.49 -30.56
N SER L 17 -3.40 -3.07 -29.73
CA SER L 17 -4.64 -2.50 -30.24
C SER L 17 -4.59 -0.98 -30.32
N LEU L 18 -3.42 -0.40 -30.07
CA LEU L 18 -3.27 1.04 -30.25
C LEU L 18 -3.72 1.41 -31.66
N ASP L 19 -4.62 2.39 -31.75
CA ASP L 19 -5.16 2.86 -33.03
C ASP L 19 -6.11 1.93 -33.77
N GLU L 20 -6.31 0.73 -33.24
CA GLU L 20 -7.35 -0.15 -33.75
C GLU L 20 -8.68 0.18 -33.08
N ILE L 21 -9.77 -0.37 -33.58
CA ILE L 21 -11.07 -0.15 -32.98
C ILE L 21 -11.37 -1.28 -32.01
N VAL L 22 -11.51 -0.92 -30.73
CA VAL L 22 -11.68 -1.95 -29.70
C VAL L 22 -13.09 -1.98 -29.18
N TYR L 23 -13.50 -3.15 -28.73
CA TYR L 23 -14.71 -3.29 -27.96
C TYR L 23 -14.36 -3.33 -26.48
N VAL L 24 -15.12 -2.61 -25.68
CA VAL L 24 -14.89 -2.57 -24.24
C VAL L 24 -16.18 -2.83 -23.51
N LYS L 25 -16.18 -3.83 -22.62
CA LYS L 25 -17.33 -4.04 -21.74
C LYS L 25 -17.03 -3.42 -20.38
N LEU L 26 -17.90 -2.54 -19.90
CA LEU L 26 -17.70 -1.97 -18.57
C LEU L 26 -18.60 -2.67 -17.56
N ARG L 27 -18.42 -2.37 -16.27
CA ARG L 27 -19.34 -2.88 -15.26
C ARG L 27 -20.75 -2.36 -15.48
N GLY L 28 -21.73 -3.25 -15.41
CA GLY L 28 -23.12 -2.85 -15.30
C GLY L 28 -23.83 -2.39 -16.55
N ASP L 29 -23.93 -3.28 -17.53
CA ASP L 29 -24.82 -3.03 -18.68
C ASP L 29 -24.32 -1.96 -19.67
N ARG L 30 -23.03 -1.64 -19.64
CA ARG L 30 -22.52 -0.62 -20.54
C ARG L 30 -21.43 -1.20 -21.43
N GLU L 31 -21.36 -0.72 -22.67
CA GLU L 31 -20.34 -1.17 -23.62
C GLU L 31 -19.82 0.02 -24.40
N LEU L 32 -18.61 -0.11 -24.92
CA LEU L 32 -18.06 0.92 -25.76
C LEU L 32 -17.46 0.30 -27.02
N ASN L 33 -17.37 1.10 -28.07
CA ASN L 33 -16.58 0.78 -29.25
C ASN L 33 -15.91 2.08 -29.62
N GLY L 34 -14.64 2.02 -29.98
CA GLY L 34 -13.92 3.23 -30.33
C GLY L 34 -12.51 2.90 -30.78
N ARG L 35 -11.82 3.91 -31.31
CA ARG L 35 -10.44 3.73 -31.67
C ARG L 35 -9.59 4.06 -30.44
N LEU L 36 -8.75 3.10 -30.07
CA LEU L 36 -7.92 3.25 -28.89
C LEU L 36 -6.80 4.24 -29.19
N HIS L 37 -6.90 5.44 -28.60
CA HIS L 37 -5.84 6.42 -28.78
C HIS L 37 -4.77 6.37 -27.70
N ALA L 38 -5.10 5.86 -26.52
CA ALA L 38 -4.18 5.92 -25.40
C ALA L 38 -4.70 5.07 -24.26
N TYR L 39 -3.78 4.49 -23.50
CA TYR L 39 -4.14 3.75 -22.29
C TYR L 39 -2.98 3.82 -21.31
N ASP L 40 -3.23 3.45 -20.07
CA ASP L 40 -2.17 3.49 -19.07
C ASP L 40 -2.22 2.26 -18.18
N GLU L 41 -1.35 2.23 -17.18
CA GLU L 41 -1.20 1.06 -16.32
C GLU L 41 -2.50 0.72 -15.59
N HIS L 42 -3.31 1.74 -15.29
CA HIS L 42 -4.59 1.53 -14.60
C HIS L 42 -5.67 1.03 -15.54
N LEU L 43 -5.34 0.97 -16.84
CA LEU L 43 -6.28 0.57 -17.89
C LEU L 43 -7.27 1.73 -18.23
N ASN L 44 -6.98 2.94 -17.76
CA ASN L 44 -7.65 4.12 -18.30
C ASN L 44 -7.44 4.15 -19.82
N VAL L 46 -8.40 6.39 -23.66
CA VAL L 46 -9.09 7.41 -24.45
C VAL L 46 -9.50 6.77 -25.73
N LEU L 47 -10.81 6.78 -25.97
CA LEU L 47 -11.39 6.20 -27.16
C LEU L 47 -11.81 7.33 -28.11
N GLY L 48 -11.43 7.21 -29.37
CA GLY L 48 -11.88 8.18 -30.35
C GLY L 48 -13.06 7.68 -31.16
N ASP L 49 -13.94 8.59 -31.55
CA ASP L 49 -15.09 8.23 -32.37
C ASP L 49 -15.81 7.06 -31.72
N ALA L 50 -16.23 7.28 -30.48
CA ALA L 50 -16.66 6.18 -29.63
C ALA L 50 -18.15 6.14 -29.55
N GLU L 51 -18.66 4.91 -29.53
CA GLU L 51 -20.06 4.66 -29.29
C GLU L 51 -20.22 4.00 -27.91
N GLU L 52 -21.13 4.55 -27.10
CA GLU L 52 -21.50 3.95 -25.83
C GLU L 52 -22.87 3.31 -25.96
N ILE L 53 -23.01 2.07 -25.49
CA ILE L 53 -24.28 1.35 -25.61
C ILE L 53 -24.77 0.83 -24.25
N VAL L 54 -25.79 1.47 -23.70
CA VAL L 54 -26.44 0.94 -22.50
C VAL L 54 -27.59 0.00 -22.92
N THR L 55 -27.63 -1.19 -22.35
CA THR L 55 -28.72 -2.13 -22.68
C THR L 55 -29.33 -2.76 -21.44
N THR L 70 -31.58 -0.92 -25.31
CA THR L 70 -30.48 -0.23 -26.01
C THR L 70 -30.66 1.28 -26.18
N ILE L 71 -29.90 2.05 -25.44
CA ILE L 71 -29.79 3.48 -25.71
C ILE L 71 -28.32 3.82 -26.04
N ARG L 72 -28.12 4.43 -27.20
CA ARG L 72 -26.77 4.70 -27.68
C ARG L 72 -26.39 6.16 -27.54
N LYS L 73 -25.11 6.44 -27.66
CA LYS L 73 -24.56 7.77 -27.48
C LYS L 73 -23.20 7.76 -28.18
N HIS L 74 -22.83 8.89 -28.79
CA HIS L 74 -21.59 8.91 -29.55
C HIS L 74 -20.71 10.02 -29.05
N TYR L 75 -19.39 9.79 -29.05
CA TYR L 75 -18.44 10.81 -28.58
C TYR L 75 -17.29 10.91 -29.55
N GLU L 76 -16.87 12.13 -29.81
CA GLU L 76 -15.70 12.36 -30.65
C GLU L 76 -14.47 11.83 -29.93
N LEU L 78 -13.38 10.16 -25.96
CA LEU L 78 -13.94 9.66 -24.70
C LEU L 78 -12.82 9.21 -23.76
N PHE L 79 -12.83 9.74 -22.53
CA PHE L 79 -11.96 9.16 -21.49
C PHE L 79 -12.72 8.10 -20.69
N VAL L 80 -12.19 6.88 -20.64
CA VAL L 80 -12.78 5.79 -19.85
C VAL L 80 -11.96 5.49 -18.61
N ARG L 81 -12.58 5.49 -17.44
CA ARG L 81 -11.87 5.13 -16.22
C ARG L 81 -11.54 3.64 -16.16
N GLY L 82 -10.26 3.30 -16.04
CA GLY L 82 -9.81 1.91 -15.99
C GLY L 82 -10.55 1.00 -15.01
N ASP L 83 -10.83 1.49 -13.80
CA ASP L 83 -11.49 0.69 -12.76
C ASP L 83 -12.74 -0.02 -13.23
N SER L 84 -13.42 0.52 -14.23
CA SER L 84 -14.71 -0.01 -14.60
C SER L 84 -14.64 -0.92 -15.82
N VAL L 85 -13.45 -1.13 -16.34
CA VAL L 85 -13.25 -2.01 -17.50
C VAL L 85 -13.20 -3.50 -17.15
N ILE L 86 -14.13 -4.30 -17.68
CA ILE L 86 -14.11 -5.75 -17.47
C ILE L 86 -13.48 -6.52 -18.65
N LEU L 87 -13.87 -6.19 -19.87
CA LEU L 87 -13.35 -6.86 -21.06
C LEU L 87 -12.85 -5.87 -22.12
N ILE L 88 -11.84 -6.28 -22.87
CA ILE L 88 -11.40 -5.52 -24.02
C ILE L 88 -11.13 -6.50 -25.15
N ALA L 89 -11.74 -6.28 -26.30
CA ALA L 89 -11.48 -7.13 -27.45
C ALA L 89 -10.99 -6.31 -28.62
N PRO L 90 -9.88 -6.73 -29.22
CA PRO L 90 -9.35 -6.03 -30.40
C PRO L 90 -10.19 -6.37 -31.62
N PRO L 91 -10.02 -5.62 -32.71
CA PRO L 91 -10.80 -5.89 -33.93
C PRO L 91 -10.37 -7.23 -34.50
N ARG L 92 -11.24 -7.87 -35.28
CA ARG L 92 -10.88 -9.16 -35.85
C ARG L 92 -9.85 -9.05 -36.94
N ASN L 93 -8.72 -9.70 -36.65
CA ASN L 93 -7.48 -9.66 -37.41
C ASN L 93 -7.17 -8.27 -38.01
N GLU M 9 1.51 -21.91 -5.21
CA GLU M 9 0.78 -23.18 -5.25
C GLU M 9 -0.62 -23.12 -5.91
N PRO M 10 -1.58 -22.34 -5.34
CA PRO M 10 -2.88 -22.22 -6.02
C PRO M 10 -2.81 -21.65 -7.44
N LEU M 11 -1.96 -20.65 -7.68
CA LEU M 11 -1.77 -20.11 -9.02
C LEU M 11 -1.19 -21.16 -10.01
N ASP M 12 -0.66 -22.26 -9.48
CA ASP M 12 -0.07 -23.27 -10.34
C ASP M 12 -1.11 -23.79 -11.32
N LEU M 13 -2.35 -23.81 -10.84
CA LEU M 13 -3.43 -24.30 -11.67
C LEU M 13 -3.61 -23.42 -12.90
N VAL M 14 -3.52 -22.11 -12.73
CA VAL M 14 -3.64 -21.18 -13.86
C VAL M 14 -2.44 -21.34 -14.78
N ARG M 15 -1.27 -21.52 -14.18
CA ARG M 15 -0.02 -21.61 -14.92
C ARG M 15 0.10 -22.88 -15.78
N LEU M 16 -0.33 -24.00 -15.20
CA LEU M 16 -0.39 -25.26 -15.93
C LEU M 16 -1.48 -25.25 -17.01
N SER M 17 -2.36 -24.25 -16.96
CA SER M 17 -3.42 -24.15 -17.95
C SER M 17 -3.04 -23.29 -19.15
N LEU M 18 -1.82 -22.79 -19.17
CA LEU M 18 -1.36 -22.04 -20.34
C LEU M 18 -1.60 -22.87 -21.59
N ASP M 19 -2.27 -22.26 -22.58
CA ASP M 19 -2.61 -22.89 -23.86
C ASP M 19 -3.68 -23.96 -23.84
N GLU M 20 -4.20 -24.27 -22.65
CA GLU M 20 -5.36 -25.14 -22.54
C GLU M 20 -6.61 -24.28 -22.59
N ILE M 21 -7.77 -24.94 -22.72
CA ILE M 21 -9.03 -24.22 -22.79
C ILE M 21 -9.64 -24.15 -21.40
N VAL M 22 -9.77 -22.95 -20.88
CA VAL M 22 -10.21 -22.79 -19.51
C VAL M 22 -11.62 -22.25 -19.46
N TYR M 23 -12.30 -22.59 -18.37
CA TYR M 23 -13.58 -21.99 -18.05
C TYR M 23 -13.34 -20.91 -17.00
N VAL M 24 -13.98 -19.77 -17.17
CA VAL M 24 -13.81 -18.69 -16.22
C VAL M 24 -15.17 -18.16 -15.86
N LYS M 25 -15.46 -18.08 -14.56
CA LYS M 25 -16.69 -17.47 -14.09
C LYS M 25 -16.38 -16.07 -13.59
N LEU M 26 -17.02 -15.04 -14.14
CA LEU M 26 -16.80 -13.67 -13.67
C LEU M 26 -17.92 -13.24 -12.72
N ARG M 27 -17.75 -12.11 -12.04
CA ARG M 27 -18.81 -11.58 -11.20
C ARG M 27 -20.04 -11.26 -12.03
N GLY M 28 -21.21 -11.60 -11.51
CA GLY M 28 -22.46 -11.18 -12.07
C GLY M 28 -22.94 -11.81 -13.37
N ASP M 29 -23.20 -13.11 -13.34
CA ASP M 29 -23.93 -13.76 -14.43
C ASP M 29 -23.14 -13.85 -15.74
N ARG M 30 -21.82 -13.74 -15.67
CA ARG M 30 -21.01 -13.85 -16.88
C ARG M 30 -20.02 -15.02 -16.82
N GLU M 31 -19.79 -15.68 -17.96
CA GLU M 31 -18.86 -16.80 -18.02
C GLU M 31 -18.08 -16.73 -19.31
N LEU M 32 -16.89 -17.33 -19.30
CA LEU M 32 -16.07 -17.36 -20.49
C LEU M 32 -15.53 -18.75 -20.69
N ASN M 33 -15.25 -19.09 -21.95
CA ASN M 33 -14.45 -20.27 -22.29
C ASN M 33 -13.48 -19.83 -23.35
N GLY M 34 -12.23 -20.26 -23.27
CA GLY M 34 -11.25 -19.82 -24.24
C GLY M 34 -9.91 -20.45 -23.99
N ARG M 35 -9.00 -20.27 -24.92
CA ARG M 35 -7.66 -20.81 -24.77
C ARG M 35 -6.83 -19.77 -24.03
N LEU M 36 -6.25 -20.16 -22.89
CA LEU M 36 -5.46 -19.24 -22.07
C LEU M 36 -4.14 -18.92 -22.75
N HIS M 37 -4.02 -17.72 -23.30
CA HIS M 37 -2.76 -17.32 -23.92
C HIS M 37 -1.79 -16.60 -22.99
N ALA M 38 -2.32 -16.01 -21.93
CA ALA M 38 -1.50 -15.19 -21.05
C ALA M 38 -2.25 -14.77 -19.78
N TYR M 39 -1.51 -14.66 -18.68
CA TYR M 39 -2.11 -14.19 -17.45
C TYR M 39 -1.02 -13.47 -16.67
N ASP M 40 -1.42 -12.68 -15.68
CA ASP M 40 -0.43 -12.01 -14.84
C ASP M 40 -0.78 -12.11 -13.38
N GLU M 41 -0.01 -11.44 -12.54
CA GLU M 41 -0.17 -11.51 -11.09
C GLU M 41 -1.56 -11.05 -10.61
N HIS M 42 -2.18 -10.14 -11.36
CA HIS M 42 -3.50 -9.62 -11.02
C HIS M 42 -4.60 -10.56 -11.48
N LEU M 43 -4.21 -11.61 -12.19
CA LEU M 43 -5.16 -12.58 -12.75
C LEU M 43 -5.86 -12.03 -14.03
N ASN M 44 -5.33 -10.94 -14.60
CA ASN M 44 -5.69 -10.55 -15.94
C ASN M 44 -5.35 -11.70 -16.88
N VAL M 46 -5.59 -13.14 -21.18
CA VAL M 46 -6.00 -13.03 -22.56
C VAL M 46 -6.48 -14.41 -22.98
N LEU M 47 -7.73 -14.45 -23.42
CA LEU M 47 -8.37 -15.68 -23.88
C LEU M 47 -8.49 -15.70 -25.41
N GLY M 48 -8.00 -16.76 -26.04
CA GLY M 48 -8.13 -16.89 -27.49
C GLY M 48 -9.35 -17.72 -27.89
N ASP M 49 -9.98 -17.33 -28.99
CA ASP M 49 -11.14 -18.07 -29.48
C ASP M 49 -12.16 -18.23 -28.36
N ALA M 50 -12.55 -17.10 -27.79
CA ALA M 50 -13.30 -17.12 -26.55
C ALA M 50 -14.78 -16.96 -26.78
N GLU M 51 -15.56 -17.69 -25.99
CA GLU M 51 -17.01 -17.52 -25.94
C GLU M 51 -17.41 -16.87 -24.62
N GLU M 52 -18.25 -15.84 -24.69
CA GLU M 52 -18.77 -15.19 -23.50
C GLU M 52 -20.21 -15.56 -23.37
N ILE M 53 -20.64 -15.93 -22.16
CA ILE M 53 -22.02 -16.37 -21.95
C ILE M 53 -22.71 -15.60 -20.82
N VAL M 54 -23.59 -14.67 -21.16
CA VAL M 54 -24.41 -14.04 -20.15
C VAL M 54 -25.69 -14.82 -19.94
N THR M 55 -26.03 -15.12 -18.69
CA THR M 55 -27.25 -15.87 -18.40
C THR M 55 -28.01 -15.24 -17.23
N THR M 70 -29.63 -16.93 -21.57
CA THR M 70 -28.37 -17.10 -22.30
C THR M 70 -28.23 -16.26 -23.57
N ILE M 71 -27.34 -15.27 -23.52
CA ILE M 71 -26.90 -14.59 -24.73
C ILE M 71 -25.39 -14.76 -24.91
N ARG M 72 -24.99 -15.32 -26.04
CA ARG M 72 -23.60 -15.64 -26.29
C ARG M 72 -22.91 -14.63 -27.21
N LYS M 73 -21.59 -14.66 -27.24
CA LYS M 73 -20.81 -13.74 -28.02
C LYS M 73 -19.45 -14.41 -28.20
N HIS M 74 -18.81 -14.20 -29.34
CA HIS M 74 -17.54 -14.89 -29.57
C HIS M 74 -16.43 -13.90 -29.90
N TYR M 75 -15.21 -14.15 -29.42
CA TYR M 75 -14.09 -13.23 -29.69
C TYR M 75 -12.87 -14.00 -30.13
N GLU M 76 -12.18 -13.46 -31.12
CA GLU M 76 -10.96 -14.06 -31.58
C GLU M 76 -9.91 -13.97 -30.46
N LEU M 78 -9.51 -12.04 -26.44
CA LEU M 78 -10.24 -11.34 -25.40
C LEU M 78 -9.34 -11.03 -24.22
N PHE M 79 -9.29 -9.77 -23.81
CA PHE M 79 -8.60 -9.42 -22.57
C PHE M 79 -9.62 -9.39 -21.45
N VAL M 80 -9.37 -10.17 -20.40
CA VAL M 80 -10.25 -10.21 -19.22
C VAL M 80 -9.57 -9.54 -18.03
N ARG M 81 -10.26 -8.61 -17.38
CA ARG M 81 -9.74 -7.96 -16.18
C ARG M 81 -9.73 -8.92 -15.00
N GLY M 82 -8.55 -9.16 -14.43
CA GLY M 82 -8.39 -9.98 -13.24
C GLY M 82 -9.37 -9.73 -12.09
N ASP M 83 -9.60 -8.47 -11.71
CA ASP M 83 -10.50 -8.12 -10.60
C ASP M 83 -11.86 -8.81 -10.66
N SER M 84 -12.32 -9.19 -11.84
CA SER M 84 -13.69 -9.69 -11.94
C SER M 84 -13.77 -11.22 -12.05
N VAL M 85 -12.62 -11.88 -11.97
CA VAL M 85 -12.56 -13.32 -12.01
C VAL M 85 -12.84 -13.97 -10.66
N ILE M 86 -13.87 -14.81 -10.60
CA ILE M 86 -14.18 -15.58 -9.41
C ILE M 86 -13.65 -17.03 -9.46
N LEU M 87 -13.86 -17.73 -10.57
CA LEU M 87 -13.45 -19.11 -10.70
C LEU M 87 -12.69 -19.33 -12.00
N ILE M 88 -11.73 -20.24 -11.96
CA ILE M 88 -11.07 -20.69 -13.17
C ILE M 88 -10.99 -22.21 -13.10
N ALA M 89 -11.46 -22.89 -14.14
CA ALA M 89 -11.34 -24.35 -14.20
C ALA M 89 -10.60 -24.78 -15.46
N PRO M 90 -9.55 -25.59 -15.28
CA PRO M 90 -8.81 -26.08 -16.44
C PRO M 90 -9.62 -27.16 -17.14
N PRO M 91 -9.20 -27.55 -18.36
CA PRO M 91 -9.93 -28.58 -19.08
C PRO M 91 -9.77 -29.91 -18.36
N ARG M 92 -10.71 -30.83 -18.58
CA ARG M 92 -10.64 -32.11 -17.93
C ARG M 92 -9.52 -33.01 -18.45
N ASN M 93 -8.59 -33.26 -17.52
CA ASN M 93 -7.55 -34.29 -17.61
C ASN M 93 -6.19 -33.80 -18.11
N GLU N 9 -6.86 -0.75 21.59
CA GLU N 9 -7.98 -0.55 22.52
C GLU N 9 -9.30 -1.23 22.02
N PRO N 10 -9.88 -0.79 20.88
CA PRO N 10 -11.10 -1.47 20.40
C PRO N 10 -10.97 -2.98 20.16
N LEU N 11 -9.84 -3.42 19.60
CA LEU N 11 -9.59 -4.86 19.42
C LEU N 11 -9.49 -5.62 20.74
N ASP N 12 -9.35 -4.91 21.86
CA ASP N 12 -9.23 -5.57 23.14
C ASP N 12 -10.47 -6.39 23.40
N LEU N 13 -11.59 -5.87 22.93
CA LEU N 13 -12.86 -6.56 23.12
C LEU N 13 -12.84 -7.94 22.47
N VAL N 14 -12.28 -8.04 21.26
CA VAL N 14 -12.17 -9.32 20.57
C VAL N 14 -11.18 -10.22 21.31
N ARG N 15 -10.09 -9.63 21.77
CA ARG N 15 -9.03 -10.33 22.47
C ARG N 15 -9.47 -10.94 23.81
N LEU N 16 -10.23 -10.16 24.59
CA LEU N 16 -10.79 -10.64 25.85
C LEU N 16 -11.89 -11.68 25.64
N SER N 17 -12.38 -11.79 24.43
CA SER N 17 -13.41 -12.77 24.10
C SER N 17 -12.86 -14.12 23.71
N LEU N 18 -11.54 -14.28 23.70
CA LEU N 18 -10.93 -15.56 23.35
C LEU N 18 -11.52 -16.65 24.21
N ASP N 19 -12.03 -17.69 23.57
CA ASP N 19 -12.68 -18.81 24.27
C ASP N 19 -14.07 -18.56 24.85
N GLU N 20 -14.57 -17.33 24.75
CA GLU N 20 -15.94 -17.04 25.08
C GLU N 20 -16.79 -17.24 23.84
N ILE N 21 -18.11 -17.20 24.04
CA ILE N 21 -19.02 -17.37 22.92
C ILE N 21 -19.39 -16.00 22.41
N VAL N 22 -19.04 -15.72 21.17
CA VAL N 22 -19.30 -14.40 20.60
C VAL N 22 -20.42 -14.41 19.58
N TYR N 23 -21.09 -13.28 19.45
CA TYR N 23 -22.03 -13.07 18.37
C TYR N 23 -21.35 -12.25 17.30
N VAL N 24 -21.52 -12.65 16.05
CA VAL N 24 -20.91 -11.95 14.93
C VAL N 24 -21.94 -11.63 13.88
N LYS N 25 -22.06 -10.37 13.50
CA LYS N 25 -22.93 -9.99 12.39
C LYS N 25 -22.09 -9.79 11.15
N LEU N 26 -22.40 -10.50 10.07
CA LEU N 26 -21.65 -10.32 8.82
C LEU N 26 -22.44 -9.45 7.86
N ARG N 27 -21.84 -9.08 6.73
CA ARG N 27 -22.55 -8.31 5.72
C ARG N 27 -23.65 -9.15 5.12
N GLY N 28 -24.83 -8.55 5.00
CA GLY N 28 -25.87 -9.15 4.20
C GLY N 28 -26.65 -10.28 4.82
N ASP N 29 -27.36 -10.00 5.91
CA ASP N 29 -28.37 -10.92 6.41
C ASP N 29 -27.83 -12.20 7.03
N ARG N 30 -26.56 -12.19 7.42
CA ARG N 30 -25.95 -13.38 8.02
C ARG N 30 -25.42 -13.10 9.42
N GLU N 31 -25.59 -14.07 10.31
CA GLU N 31 -25.14 -13.95 11.69
C GLU N 31 -24.48 -15.24 12.15
N LEU N 32 -23.59 -15.13 13.12
CA LEU N 32 -22.93 -16.31 13.66
C LEU N 32 -22.93 -16.25 15.19
N ASN N 33 -22.90 -17.42 15.80
CA ASN N 33 -22.62 -17.56 17.23
C ASN N 33 -21.67 -18.73 17.37
N GLY N 34 -20.65 -18.57 18.20
CA GLY N 34 -19.67 -19.64 18.35
C GLY N 34 -18.62 -19.25 19.34
N ARG N 35 -17.80 -20.24 19.69
CA ARG N 35 -16.69 -20.01 20.61
C ARG N 35 -15.49 -19.51 19.85
N LEU N 36 -15.00 -18.33 20.23
CA LEU N 36 -13.88 -17.73 19.55
C LEU N 36 -12.58 -18.47 19.89
N HIS N 37 -12.07 -19.24 18.94
CA HIS N 37 -10.82 -19.96 19.12
C HIS N 37 -9.58 -19.22 18.62
N ALA N 38 -9.76 -18.27 17.72
CA ALA N 38 -8.63 -17.60 17.14
C ALA N 38 -9.07 -16.43 16.30
N TYR N 39 -8.25 -15.39 16.23
CA TYR N 39 -8.51 -14.24 15.37
C TYR N 39 -7.18 -13.62 14.98
N ASP N 40 -7.20 -12.74 13.99
CA ASP N 40 -5.98 -12.08 13.58
C ASP N 40 -6.22 -10.62 13.27
N GLU N 41 -5.18 -9.95 12.81
CA GLU N 41 -5.23 -8.51 12.58
C GLU N 41 -6.30 -8.12 11.57
N HIS N 42 -6.58 -9.00 10.60
CA HIS N 42 -7.61 -8.75 9.59
C HIS N 42 -9.01 -9.00 10.13
N LEU N 43 -9.10 -9.52 11.35
CA LEU N 43 -10.36 -9.85 11.99
C LEU N 43 -10.92 -11.20 11.47
N ASN N 44 -10.08 -11.96 10.75
CA ASN N 44 -10.41 -13.35 10.49
C ASN N 44 -10.63 -14.06 11.81
N VAL N 46 -11.69 -18.01 13.81
CA VAL N 46 -12.18 -19.38 13.80
C VAL N 46 -13.17 -19.50 14.95
N LEU N 47 -14.37 -19.94 14.62
CA LEU N 47 -15.44 -20.12 15.58
C LEU N 47 -15.71 -21.61 15.78
N GLY N 48 -15.78 -22.03 17.03
CA GLY N 48 -16.06 -23.42 17.31
C GLY N 48 -17.51 -23.63 17.70
N ASP N 49 -18.06 -24.78 17.33
CA ASP N 49 -19.43 -25.07 17.67
C ASP N 49 -20.32 -23.93 17.23
N ALA N 50 -20.25 -23.61 15.95
CA ALA N 50 -20.80 -22.35 15.50
C ALA N 50 -22.13 -22.56 14.83
N GLU N 51 -23.05 -21.63 15.09
CA GLU N 51 -24.32 -21.57 14.41
C GLU N 51 -24.38 -20.40 13.45
N GLU N 52 -24.78 -20.66 12.20
CA GLU N 52 -24.94 -19.64 11.19
C GLU N 52 -26.42 -19.42 10.97
N ILE N 53 -26.85 -18.16 10.97
CA ILE N 53 -28.27 -17.84 10.80
C ILE N 53 -28.52 -16.85 9.65
N VAL N 54 -29.07 -17.35 8.56
CA VAL N 54 -29.47 -16.46 7.47
C VAL N 54 -30.92 -16.08 7.66
N THR N 55 -31.22 -14.78 7.67
CA THR N 55 -32.60 -14.33 7.82
C THR N 55 -33.02 -13.33 6.76
N THR N 70 -35.48 -17.21 8.40
CA THR N 70 -34.45 -17.91 9.15
C THR N 70 -34.11 -19.33 8.65
N ILE N 71 -32.94 -19.48 8.04
CA ILE N 71 -32.38 -20.80 7.82
C ILE N 71 -31.06 -20.97 8.58
N ARG N 72 -30.95 -22.03 9.37
CA ARG N 72 -29.83 -22.23 10.28
C ARG N 72 -28.91 -23.35 9.80
N LYS N 73 -27.69 -23.35 10.31
CA LYS N 73 -26.69 -24.30 9.91
C LYS N 73 -25.69 -24.36 11.07
N HIS N 74 -25.09 -25.52 11.29
CA HIS N 74 -24.17 -25.68 12.41
C HIS N 74 -22.82 -26.19 11.92
N TYR N 75 -21.73 -25.70 12.55
CA TYR N 75 -20.39 -26.14 12.19
C TYR N 75 -19.60 -26.48 13.43
N GLU N 76 -18.86 -27.58 13.37
CA GLU N 76 -17.95 -27.95 14.44
C GLU N 76 -16.87 -26.87 14.55
N LEU N 78 -15.48 -23.33 12.29
CA LEU N 78 -15.77 -22.41 11.18
C LEU N 78 -14.71 -21.33 11.01
N PHE N 79 -14.15 -21.20 9.81
CA PHE N 79 -13.30 -20.05 9.52
C PHE N 79 -14.12 -18.90 8.93
N VAL N 80 -14.08 -17.73 9.58
CA VAL N 80 -14.81 -16.56 9.08
C VAL N 80 -13.87 -15.51 8.49
N ARG N 81 -14.13 -15.05 7.27
CA ARG N 81 -13.26 -14.03 6.65
C ARG N 81 -13.50 -12.66 7.28
N GLY N 82 -12.42 -12.06 7.80
CA GLY N 82 -12.52 -10.78 8.46
C GLY N 82 -13.19 -9.67 7.68
N ASP N 83 -12.95 -9.60 6.38
CA ASP N 83 -13.55 -8.56 5.53
C ASP N 83 -15.05 -8.42 5.67
N SER N 84 -15.75 -9.51 6.02
CA SER N 84 -17.20 -9.47 6.00
C SER N 84 -17.81 -9.22 7.38
N VAL N 85 -16.96 -9.03 8.39
CA VAL N 85 -17.42 -8.83 9.76
C VAL N 85 -17.82 -7.39 10.03
N ILE N 86 -19.06 -7.16 10.43
CA ILE N 86 -19.54 -5.83 10.78
C ILE N 86 -19.57 -5.58 12.31
N LEU N 87 -20.16 -6.52 13.06
CA LEU N 87 -20.27 -6.43 14.51
C LEU N 87 -19.73 -7.66 15.21
N ILE N 88 -19.15 -7.46 16.40
CA ILE N 88 -18.80 -8.56 17.29
C ILE N 88 -19.25 -8.21 18.69
N ALA N 89 -20.03 -9.09 19.32
CA ALA N 89 -20.47 -8.87 20.68
C ALA N 89 -20.02 -10.04 21.56
N PRO N 90 -19.36 -9.74 22.67
CA PRO N 90 -18.94 -10.78 23.60
C PRO N 90 -20.14 -11.25 24.39
N PRO N 91 -20.00 -12.38 25.12
CA PRO N 91 -21.12 -12.88 25.92
C PRO N 91 -21.38 -11.92 27.08
N ARG N 92 -22.60 -11.94 27.61
CA ARG N 92 -22.95 -11.04 28.70
C ARG N 92 -22.32 -11.38 30.03
N ASN N 93 -21.62 -10.36 30.52
CA ASN N 93 -21.16 -10.15 31.91
C ASN N 93 -19.66 -10.19 32.15
#